data_8QEU
#
_entry.id   8QEU
#
_cell.length_a   89.307
_cell.length_b   155.380
_cell.length_c   189.541
_cell.angle_alpha   90.00
_cell.angle_beta   90.00
_cell.angle_gamma   90.00
#
_symmetry.space_group_name_H-M   'C 2 2 21'
#
loop_
_entity.id
_entity.type
_entity.pdbx_description
1 polymer 'Ornithine transcarbamylase, chloroplastic'
2 non-polymer L-ornithine
3 non-polymer DI(HYDROXYETHYL)ETHER
4 non-polymer 1,2-ETHANEDIOL
5 non-polymer 'SULFATE ION'
6 non-polymer 'SODIUM ION'
7 water water
#
_entity_poly.entity_id   1
_entity_poly.type   'polypeptide(L)'
_entity_poly.pdbx_seq_one_letter_code
;SNASSVTSPSSPSDVKGKSDLKDFLAIDDFDTATIKTILDKASEVKALLKSGERNYLPFKGKSMSMIFAKPSMRTRVSFE
TGFFLLGGHALYLGPNDIQMGKREETRDVARVLSRYNDIIMARVFAHQDILDLANYSSVPVVNGLTDHNHPCQIMADALT
MIEHIGQVEGTKVVYVGDGNNMVHSWLELASVIPFHFVCACPKGYEPDKERVSKAKQAGLSKIEITNDPKEAVIGADVVY
SDVWASMGQKDEAEARRKAFQGFQVDEALMKLAGQKAYFMHCLPAERGVEVTNGVVEAPYSIVFPQAENRMHAQNAIMLH
LLGF
;
_entity_poly.pdbx_strand_id   A,B,C
#
loop_
_chem_comp.id
_chem_comp.type
_chem_comp.name
_chem_comp.formula
EDO non-polymer 1,2-ETHANEDIOL 'C2 H6 O2'
NA non-polymer 'SODIUM ION' 'Na 1'
PEG non-polymer DI(HYDROXYETHYL)ETHER 'C4 H10 O3'
SO4 non-polymer 'SULFATE ION' 'O4 S -2'
#
# COMPACT_ATOMS: atom_id res chain seq x y z
N LEU A 21 -1.79 -27.05 -15.79
CA LEU A 21 -2.45 -25.72 -15.97
C LEU A 21 -1.63 -24.61 -15.32
N LYS A 22 -1.61 -23.47 -16.01
CA LYS A 22 -0.76 -22.40 -15.51
C LYS A 22 -1.42 -21.68 -14.32
N ASP A 23 -2.75 -21.57 -14.31
CA ASP A 23 -3.47 -20.58 -13.49
C ASP A 23 -4.40 -21.28 -12.50
N PHE A 24 -4.88 -20.53 -11.50
CA PHE A 24 -5.91 -21.04 -10.57
C PHE A 24 -7.12 -20.13 -10.65
N LEU A 25 -8.04 -20.40 -11.61
CA LEU A 25 -9.16 -19.51 -11.90
C LEU A 25 -10.51 -20.07 -11.43
N ALA A 26 -10.57 -21.43 -11.29
CA ALA A 26 -11.78 -22.16 -10.93
C ALA A 26 -11.31 -23.51 -10.42
N ILE A 27 -11.96 -24.01 -9.36
CA ILE A 27 -11.48 -25.24 -8.75
C ILE A 27 -11.52 -26.40 -9.76
N ASP A 28 -12.59 -26.51 -10.55
CA ASP A 28 -12.78 -27.69 -11.41
C ASP A 28 -12.11 -27.50 -12.77
N ASP A 29 -11.17 -26.53 -12.87
CA ASP A 29 -10.18 -26.58 -13.95
C ASP A 29 -9.14 -27.68 -13.68
N PHE A 30 -9.08 -28.17 -12.44
CA PHE A 30 -8.19 -29.21 -12.00
C PHE A 30 -8.98 -30.49 -11.74
N ASP A 31 -8.27 -31.62 -11.79
CA ASP A 31 -8.88 -32.91 -11.49
C ASP A 31 -8.88 -33.20 -9.99
N THR A 32 -9.67 -34.21 -9.62
CA THR A 32 -9.85 -34.61 -8.24
C THR A 32 -8.51 -34.84 -7.53
N ALA A 33 -7.60 -35.59 -8.17
CA ALA A 33 -6.35 -35.93 -7.52
C ALA A 33 -5.50 -34.70 -7.23
N THR A 34 -5.49 -33.72 -8.14
CA THR A 34 -4.68 -32.52 -7.99
C THR A 34 -5.25 -31.64 -6.86
N ILE A 35 -6.57 -31.47 -6.82
CA ILE A 35 -7.19 -30.72 -5.75
C ILE A 35 -6.89 -31.34 -4.37
N LYS A 36 -7.02 -32.68 -4.27
CA LYS A 36 -6.69 -33.38 -3.04
C LYS A 36 -5.22 -33.22 -2.66
N THR A 37 -4.33 -33.23 -3.63
CA THR A 37 -2.91 -33.01 -3.38
C THR A 37 -2.66 -31.62 -2.80
N ILE A 38 -3.32 -30.61 -3.38
CA ILE A 38 -3.16 -29.24 -2.90
C ILE A 38 -3.69 -29.10 -1.46
N LEU A 39 -4.84 -29.71 -1.16
CA LEU A 39 -5.36 -29.66 0.20
C LEU A 39 -4.44 -30.39 1.20
N ASP A 40 -3.81 -31.49 0.77
CA ASP A 40 -2.84 -32.18 1.64
C ASP A 40 -1.68 -31.21 1.96
N LYS A 41 -1.18 -30.71 0.98
N LYS A 41 -1.09 -30.65 0.91
CA LYS A 41 -0.05 -29.75 1.05
CA LYS A 41 0.05 -29.70 1.07
C LYS A 41 -0.47 -28.55 1.91
C LYS A 41 -0.39 -28.54 1.95
N ALA A 42 -1.66 -28.16 1.85
CA ALA A 42 -2.15 -27.06 2.69
C ALA A 42 -2.01 -27.43 4.17
N SER A 43 -2.36 -28.66 4.54
CA SER A 43 -2.22 -29.12 5.92
C SER A 43 -0.76 -29.15 6.34
N GLU A 44 0.12 -29.63 5.44
CA GLU A 44 1.53 -29.81 5.77
C GLU A 44 2.18 -28.45 6.05
N VAL A 45 1.97 -27.47 5.15
CA VAL A 45 2.63 -26.18 5.33
C VAL A 45 2.04 -25.42 6.50
N LYS A 46 0.73 -25.57 6.72
CA LYS A 46 0.08 -25.00 7.90
C LYS A 46 0.73 -25.52 9.20
N ALA A 47 0.95 -26.84 9.28
CA ALA A 47 1.56 -27.41 10.47
C ALA A 47 2.98 -26.87 10.66
N LEU A 48 3.71 -26.71 9.55
CA LEU A 48 5.05 -26.16 9.63
C LEU A 48 5.00 -24.73 10.18
N LEU A 49 4.14 -23.86 9.65
CA LEU A 49 4.09 -22.50 10.19
C LEU A 49 3.59 -22.45 11.62
N LYS A 50 2.61 -23.30 11.96
CA LYS A 50 2.04 -23.33 13.34
C LYS A 50 3.10 -23.80 14.34
N SER A 51 4.09 -24.57 13.90
CA SER A 51 5.16 -25.05 14.74
C SER A 51 6.10 -23.91 15.14
N GLY A 52 6.02 -22.79 14.42
CA GLY A 52 6.95 -21.69 14.60
C GLY A 52 8.10 -21.73 13.58
N GLU A 53 8.08 -22.66 12.63
CA GLU A 53 9.15 -22.65 11.60
C GLU A 53 9.10 -21.36 10.77
N ARG A 54 10.21 -20.60 10.71
CA ARG A 54 10.25 -19.46 9.81
C ARG A 54 11.40 -19.58 8.80
N ASN A 55 11.98 -20.78 8.67
CA ASN A 55 13.15 -20.97 7.78
C ASN A 55 12.82 -21.83 6.55
N TYR A 56 11.55 -21.95 6.22
CA TYR A 56 11.15 -22.54 4.95
C TYR A 56 10.69 -21.40 4.04
N LEU A 57 11.57 -21.02 3.09
CA LEU A 57 11.36 -19.80 2.33
C LEU A 57 11.43 -20.10 0.83
N PRO A 58 10.53 -20.93 0.30
CA PRO A 58 10.61 -21.31 -1.12
C PRO A 58 10.43 -20.18 -2.13
N PHE A 59 9.81 -19.08 -1.69
CA PHE A 59 9.54 -17.93 -2.52
C PHE A 59 10.60 -16.83 -2.38
N LYS A 60 11.73 -17.14 -1.74
CA LYS A 60 12.83 -16.20 -1.69
C LYS A 60 13.14 -15.66 -3.09
N GLY A 61 13.25 -14.34 -3.21
CA GLY A 61 13.55 -13.70 -4.46
C GLY A 61 12.42 -13.65 -5.48
N LYS A 62 11.20 -13.98 -5.06
CA LYS A 62 10.02 -13.94 -5.91
C LYS A 62 9.10 -12.79 -5.50
N SER A 63 8.38 -12.26 -6.48
CA SER A 63 7.41 -11.20 -6.24
C SER A 63 6.05 -11.55 -6.82
N MET A 64 5.01 -10.98 -6.21
CA MET A 64 3.63 -11.17 -6.66
C MET A 64 2.97 -9.79 -6.73
N SER A 65 2.34 -9.41 -7.86
CA SER A 65 1.49 -8.23 -7.89
C SER A 65 0.08 -8.68 -7.58
N MET A 66 -0.57 -8.00 -6.62
CA MET A 66 -1.94 -8.22 -6.24
C MET A 66 -2.79 -7.06 -6.71
N ILE A 67 -3.68 -7.33 -7.66
CA ILE A 67 -4.55 -6.33 -8.25
C ILE A 67 -5.93 -6.43 -7.59
N PHE A 68 -6.37 -5.36 -6.92
CA PHE A 68 -7.66 -5.32 -6.26
C PHE A 68 -8.55 -4.22 -6.83
N ALA A 69 -9.69 -4.61 -7.44
CA ALA A 69 -10.68 -3.67 -7.92
C ALA A 69 -11.70 -3.26 -6.86
N LYS A 70 -11.67 -3.99 -5.74
CA LYS A 70 -12.70 -4.05 -4.68
C LYS A 70 -11.95 -4.04 -3.35
N PRO A 71 -12.67 -3.69 -2.25
CA PRO A 71 -12.13 -3.76 -0.90
C PRO A 71 -11.82 -5.17 -0.54
N SER A 72 -10.88 -5.32 0.43
CA SER A 72 -10.51 -6.60 0.95
C SER A 72 -9.72 -6.51 2.25
N MET A 73 -10.09 -7.37 3.18
CA MET A 73 -9.28 -7.65 4.36
CA MET A 73 -9.30 -7.64 4.36
C MET A 73 -8.76 -9.07 4.32
N ARG A 74 -9.62 -10.09 4.16
CA ARG A 74 -9.12 -11.48 4.26
C ARG A 74 -8.21 -11.80 3.07
N THR A 75 -8.66 -11.49 1.85
CA THR A 75 -7.90 -11.88 0.66
C THR A 75 -6.57 -11.11 0.64
N ARG A 76 -6.66 -9.80 0.90
CA ARG A 76 -5.45 -8.97 0.97
C ARG A 76 -4.44 -9.47 2.00
N VAL A 77 -4.90 -9.63 3.26
CA VAL A 77 -3.94 -9.91 4.32
C VAL A 77 -3.42 -11.34 4.22
N SER A 78 -4.28 -12.30 3.83
CA SER A 78 -3.87 -13.69 3.72
C SER A 78 -2.82 -13.87 2.62
N PHE A 79 -3.07 -13.27 1.45
CA PHE A 79 -2.10 -13.36 0.37
C PHE A 79 -0.77 -12.64 0.69
N GLU A 80 -0.86 -11.41 1.22
CA GLU A 80 0.38 -10.67 1.45
C GLU A 80 1.21 -11.29 2.57
N THR A 81 0.52 -11.69 3.66
CA THR A 81 1.20 -12.29 4.80
C THR A 81 1.77 -13.67 4.42
N GLY A 82 0.96 -14.49 3.72
CA GLY A 82 1.44 -15.81 3.40
C GLY A 82 2.64 -15.79 2.46
N PHE A 83 2.59 -14.90 1.45
CA PHE A 83 3.71 -14.77 0.54
C PHE A 83 5.00 -14.36 1.27
N PHE A 84 4.85 -13.41 2.21
CA PHE A 84 5.96 -13.01 3.07
C PHE A 84 6.51 -14.16 3.93
N LEU A 85 5.59 -14.96 4.56
CA LEU A 85 6.04 -16.07 5.40
C LEU A 85 6.80 -17.14 4.62
N LEU A 86 6.54 -17.22 3.30
CA LEU A 86 7.25 -18.16 2.45
C LEU A 86 8.41 -17.52 1.69
N GLY A 87 8.73 -16.26 2.00
CA GLY A 87 9.98 -15.65 1.58
C GLY A 87 9.90 -14.58 0.48
N GLY A 88 8.72 -14.34 -0.10
CA GLY A 88 8.58 -13.43 -1.20
C GLY A 88 8.03 -12.05 -0.81
N HIS A 89 7.84 -11.20 -1.81
CA HIS A 89 7.24 -9.87 -1.61
C HIS A 89 6.00 -9.70 -2.48
N ALA A 90 4.83 -9.45 -1.85
CA ALA A 90 3.62 -9.12 -2.55
C ALA A 90 3.38 -7.63 -2.59
N LEU A 91 3.09 -7.09 -3.77
CA LEU A 91 2.74 -5.69 -3.97
C LEU A 91 1.24 -5.51 -3.99
N TYR A 92 0.76 -4.52 -3.25
CA TYR A 92 -0.67 -4.22 -3.20
C TYR A 92 -1.01 -3.10 -4.17
N LEU A 93 -1.72 -3.45 -5.25
CA LEU A 93 -2.21 -2.51 -6.24
C LEU A 93 -3.72 -2.36 -6.04
N GLY A 94 -4.09 -1.31 -5.35
CA GLY A 94 -5.46 -1.09 -4.96
C GLY A 94 -6.28 -0.48 -6.08
N PRO A 95 -7.57 -0.23 -5.79
CA PRO A 95 -8.51 0.09 -6.85
C PRO A 95 -8.14 1.26 -7.75
N ASN A 96 -7.43 2.25 -7.20
CA ASN A 96 -7.08 3.38 -8.04
C ASN A 96 -5.63 3.34 -8.52
N ASP A 97 -4.88 2.27 -8.22
CA ASP A 97 -3.46 2.25 -8.52
C ASP A 97 -3.23 1.92 -9.99
N ILE A 98 -3.89 0.90 -10.56
CA ILE A 98 -3.63 0.62 -11.98
C ILE A 98 -4.91 0.59 -12.83
N GLN A 99 -6.08 0.38 -12.21
CA GLN A 99 -7.36 0.50 -12.91
C GLN A 99 -7.44 -0.40 -14.17
N MET A 100 -7.23 -1.70 -13.95
CA MET A 100 -7.07 -2.68 -15.03
C MET A 100 -8.39 -2.83 -15.80
N GLY A 101 -8.29 -2.68 -17.12
CA GLY A 101 -9.45 -2.70 -17.99
C GLY A 101 -10.09 -1.32 -18.23
N LYS A 102 -9.68 -0.28 -17.47
CA LYS A 102 -10.23 1.06 -17.62
C LYS A 102 -9.14 2.06 -18.00
N ARG A 103 -8.13 2.25 -17.15
CA ARG A 103 -7.01 3.15 -17.53
C ARG A 103 -6.16 2.49 -18.61
N GLU A 104 -6.18 1.17 -18.68
CA GLU A 104 -5.27 0.44 -19.53
C GLU A 104 -5.90 -0.93 -19.79
N GLU A 105 -5.76 -1.43 -21.00
CA GLU A 105 -6.33 -2.73 -21.32
C GLU A 105 -5.66 -3.85 -20.54
N THR A 106 -6.46 -4.86 -20.14
CA THR A 106 -5.96 -5.99 -19.39
C THR A 106 -4.76 -6.66 -20.09
N ARG A 107 -4.84 -6.84 -21.42
CA ARG A 107 -3.76 -7.53 -22.12
C ARG A 107 -2.41 -6.83 -21.97
N ASP A 108 -2.47 -5.48 -21.86
CA ASP A 108 -1.25 -4.70 -21.64
C ASP A 108 -0.74 -4.82 -20.20
N VAL A 109 -1.67 -4.71 -19.23
CA VAL A 109 -1.32 -4.95 -17.84
C VAL A 109 -0.64 -6.32 -17.67
N ALA A 110 -1.27 -7.37 -18.25
CA ALA A 110 -0.74 -8.72 -18.15
C ALA A 110 0.71 -8.79 -18.64
N ARG A 111 0.93 -8.20 -19.84
CA ARG A 111 2.23 -8.33 -20.45
C ARG A 111 3.32 -7.52 -19.75
N VAL A 112 2.95 -6.39 -19.13
CA VAL A 112 3.92 -5.64 -18.33
C VAL A 112 4.22 -6.34 -16.99
N LEU A 113 3.16 -6.69 -16.23
CA LEU A 113 3.41 -7.30 -14.94
C LEU A 113 4.13 -8.64 -15.00
N SER A 114 3.85 -9.42 -16.08
CA SER A 114 4.54 -10.68 -16.28
C SER A 114 6.05 -10.52 -16.47
N ARG A 115 6.50 -9.30 -16.86
CA ARG A 115 7.93 -9.07 -17.00
C ARG A 115 8.58 -8.51 -15.72
N TYR A 116 7.79 -8.07 -14.75
CA TYR A 116 8.34 -7.65 -13.47
C TYR A 116 8.28 -8.75 -12.41
N ASN A 117 7.13 -9.47 -12.36
CA ASN A 117 6.78 -10.31 -11.22
C ASN A 117 6.72 -11.79 -11.62
N ASP A 118 6.58 -12.69 -10.62
CA ASP A 118 6.58 -14.13 -10.86
C ASP A 118 5.19 -14.75 -10.86
N ILE A 119 4.20 -14.03 -10.33
CA ILE A 119 2.83 -14.47 -10.17
C ILE A 119 1.97 -13.24 -9.98
N ILE A 120 0.70 -13.33 -10.38
CA ILE A 120 -0.25 -12.23 -10.29
C ILE A 120 -1.53 -12.74 -9.65
N MET A 121 -2.02 -12.04 -8.63
CA MET A 121 -3.31 -12.28 -8.01
CA MET A 121 -3.32 -12.32 -8.07
C MET A 121 -4.25 -11.17 -8.46
N ALA A 122 -5.51 -11.45 -8.83
CA ALA A 122 -6.45 -10.41 -9.20
C ALA A 122 -7.84 -10.65 -8.64
N ARG A 123 -8.39 -9.56 -8.09
CA ARG A 123 -9.80 -9.51 -7.63
C ARG A 123 -10.44 -8.49 -8.57
N VAL A 124 -11.46 -8.89 -9.33
CA VAL A 124 -12.02 -8.09 -10.40
C VAL A 124 -13.54 -8.14 -10.33
N PHE A 125 -14.17 -7.35 -11.18
CA PHE A 125 -15.59 -7.41 -11.45
C PHE A 125 -15.90 -8.49 -12.50
N ALA A 126 -15.93 -8.13 -13.78
CA ALA A 126 -16.26 -9.12 -14.79
C ALA A 126 -15.27 -10.27 -14.76
N HIS A 127 -15.78 -11.52 -14.77
CA HIS A 127 -14.94 -12.69 -14.84
C HIS A 127 -14.02 -12.65 -16.08
N GLN A 128 -14.56 -12.14 -17.19
CA GLN A 128 -13.75 -12.04 -18.41
C GLN A 128 -12.45 -11.27 -18.20
N ASP A 129 -12.43 -10.30 -17.26
CA ASP A 129 -11.18 -9.59 -16.98
C ASP A 129 -10.10 -10.53 -16.44
N ILE A 130 -10.48 -11.46 -15.55
CA ILE A 130 -9.52 -12.42 -15.03
C ILE A 130 -9.09 -13.42 -16.14
N LEU A 131 -10.02 -13.82 -17.02
CA LEU A 131 -9.65 -14.71 -18.12
C LEU A 131 -8.64 -14.02 -19.04
N ASP A 132 -8.89 -12.74 -19.33
CA ASP A 132 -8.00 -11.94 -20.17
C ASP A 132 -6.61 -11.88 -19.53
N LEU A 133 -6.58 -11.59 -18.23
CA LEU A 133 -5.30 -11.48 -17.51
C LEU A 133 -4.51 -12.78 -17.61
N ALA A 134 -5.20 -13.90 -17.38
CA ALA A 134 -4.55 -15.21 -17.47
C ALA A 134 -4.06 -15.49 -18.90
N ASN A 135 -4.88 -15.17 -19.90
CA ASN A 135 -4.54 -15.48 -21.28
C ASN A 135 -3.31 -14.74 -21.78
N TYR A 136 -3.14 -13.49 -21.30
CA TYR A 136 -2.03 -12.67 -21.78
C TYR A 136 -0.80 -12.68 -20.87
N SER A 137 -0.90 -13.31 -19.70
CA SER A 137 0.21 -13.37 -18.73
CA SER A 137 0.21 -13.36 -18.73
C SER A 137 1.04 -14.61 -18.96
N SER A 138 2.37 -14.46 -19.02
CA SER A 138 3.28 -15.59 -19.09
C SER A 138 3.50 -16.26 -17.73
N VAL A 139 3.12 -15.58 -16.65
CA VAL A 139 3.24 -16.10 -15.30
C VAL A 139 1.88 -16.59 -14.81
N PRO A 140 1.86 -17.42 -13.76
CA PRO A 140 0.58 -17.85 -13.19
C PRO A 140 -0.26 -16.68 -12.69
N VAL A 141 -1.58 -16.84 -12.84
CA VAL A 141 -2.58 -15.94 -12.33
C VAL A 141 -3.48 -16.70 -11.35
N VAL A 142 -3.74 -16.07 -10.19
CA VAL A 142 -4.60 -16.59 -9.15
CA VAL A 142 -4.61 -16.63 -9.19
C VAL A 142 -5.81 -15.68 -9.00
N ASN A 143 -7.01 -16.28 -9.03
CA ASN A 143 -8.26 -15.57 -8.85
C ASN A 143 -8.53 -15.29 -7.37
N GLY A 144 -8.63 -14.01 -7.03
CA GLY A 144 -8.88 -13.53 -5.67
C GLY A 144 -10.30 -13.05 -5.40
N LEU A 145 -11.19 -13.43 -6.31
CA LEU A 145 -12.65 -13.11 -6.33
CA LEU A 145 -12.65 -13.11 -6.33
C LEU A 145 -13.08 -12.33 -7.60
N THR A 146 -14.09 -12.89 -8.29
CA THR A 146 -14.70 -12.16 -9.38
C THR A 146 -16.22 -12.08 -9.17
N ASP A 147 -16.92 -11.42 -10.09
CA ASP A 147 -18.38 -11.39 -10.07
C ASP A 147 -18.93 -12.81 -10.23
N HIS A 148 -18.14 -13.69 -10.85
CA HIS A 148 -18.57 -15.07 -11.11
C HIS A 148 -18.26 -16.06 -9.97
N ASN A 149 -17.08 -16.00 -9.36
CA ASN A 149 -16.66 -17.08 -8.48
C ASN A 149 -15.62 -16.60 -7.45
N HIS A 150 -15.17 -17.54 -6.59
CA HIS A 150 -14.26 -17.21 -5.50
C HIS A 150 -13.56 -18.51 -5.06
N PRO A 151 -12.71 -19.10 -5.94
CA PRO A 151 -12.22 -20.46 -5.71
C PRO A 151 -11.31 -20.60 -4.51
N CYS A 152 -10.49 -19.56 -4.21
CA CYS A 152 -9.60 -19.70 -3.07
C CYS A 152 -10.39 -19.77 -1.73
N GLN A 153 -11.55 -19.10 -1.67
CA GLN A 153 -12.37 -19.18 -0.47
C GLN A 153 -12.87 -20.60 -0.27
N ILE A 154 -13.36 -21.23 -1.34
CA ILE A 154 -13.91 -22.58 -1.20
C ILE A 154 -12.82 -23.63 -0.96
N MET A 155 -11.59 -23.42 -1.48
CA MET A 155 -10.48 -24.26 -1.11
C MET A 155 -10.20 -24.18 0.40
N ALA A 156 -10.17 -22.97 0.97
CA ALA A 156 -10.03 -22.82 2.41
C ALA A 156 -11.15 -23.52 3.17
N ASP A 157 -12.38 -23.37 2.65
CA ASP A 157 -13.56 -23.96 3.27
C ASP A 157 -13.46 -25.49 3.29
N ALA A 158 -12.90 -26.07 2.22
CA ALA A 158 -12.71 -27.52 2.15
C ALA A 158 -11.70 -27.98 3.20
N LEU A 159 -10.58 -27.24 3.34
CA LEU A 159 -9.59 -27.52 4.39
C LEU A 159 -10.24 -27.44 5.78
N THR A 160 -11.06 -26.41 5.99
CA THR A 160 -11.76 -26.24 7.26
C THR A 160 -12.67 -27.44 7.56
N MET A 161 -13.40 -27.89 6.53
CA MET A 161 -14.27 -29.05 6.69
C MET A 161 -13.46 -30.31 7.00
N ILE A 162 -12.35 -30.51 6.31
CA ILE A 162 -11.47 -31.66 6.56
C ILE A 162 -11.04 -31.67 8.04
N GLU A 163 -10.65 -30.50 8.55
CA GLU A 163 -10.16 -30.42 9.93
C GLU A 163 -11.28 -30.66 10.95
N HIS A 164 -12.51 -30.20 10.68
CA HIS A 164 -13.55 -30.28 11.71
C HIS A 164 -14.38 -31.56 11.58
N ILE A 165 -14.77 -31.91 10.35
CA ILE A 165 -15.64 -33.05 10.05
C ILE A 165 -14.81 -34.30 9.81
N GLY A 166 -13.65 -34.14 9.16
CA GLY A 166 -12.77 -35.25 8.82
C GLY A 166 -12.50 -35.35 7.31
N GLN A 167 -13.48 -34.91 6.52
CA GLN A 167 -13.46 -35.05 5.07
CA GLN A 167 -13.43 -35.00 5.07
C GLN A 167 -14.59 -34.21 4.47
N VAL A 168 -14.48 -33.95 3.15
CA VAL A 168 -15.57 -33.34 2.40
C VAL A 168 -16.49 -34.40 1.78
N GLU A 169 -15.89 -35.53 1.35
CA GLU A 169 -16.66 -36.59 0.71
C GLU A 169 -17.82 -37.03 1.61
N GLY A 170 -19.01 -37.07 1.02
CA GLY A 170 -20.20 -37.65 1.63
C GLY A 170 -20.91 -36.73 2.62
N THR A 171 -20.48 -35.47 2.70
CA THR A 171 -21.13 -34.51 3.57
C THR A 171 -22.34 -33.91 2.87
N LYS A 172 -23.11 -33.18 3.68
CA LYS A 172 -24.21 -32.36 3.19
C LYS A 172 -23.92 -30.91 3.57
N VAL A 173 -23.70 -30.12 2.52
CA VAL A 173 -23.45 -28.70 2.62
C VAL A 173 -24.67 -27.95 2.11
N VAL A 174 -25.26 -27.08 2.95
CA VAL A 174 -26.43 -26.33 2.57
C VAL A 174 -26.12 -24.85 2.67
N TYR A 175 -26.06 -24.22 1.47
CA TYR A 175 -25.92 -22.77 1.37
C TYR A 175 -27.29 -22.13 1.37
N VAL A 176 -27.43 -21.10 2.22
CA VAL A 176 -28.69 -20.37 2.34
C VAL A 176 -28.42 -18.91 2.02
N GLY A 177 -29.09 -18.40 0.98
CA GLY A 177 -28.95 -17.00 0.58
C GLY A 177 -28.95 -16.81 -0.93
N ASP A 178 -28.16 -15.85 -1.40
CA ASP A 178 -28.13 -15.44 -2.80
C ASP A 178 -27.32 -16.44 -3.63
N GLY A 179 -27.84 -16.81 -4.82
CA GLY A 179 -27.13 -17.66 -5.76
C GLY A 179 -26.04 -16.92 -6.50
N ASN A 180 -24.88 -16.89 -5.88
CA ASN A 180 -23.85 -15.89 -6.18
C ASN A 180 -22.49 -16.56 -6.45
N ASN A 181 -21.45 -15.72 -6.43
CA ASN A 181 -20.09 -16.18 -6.68
C ASN A 181 -19.62 -17.28 -5.71
N MET A 182 -20.05 -17.24 -4.45
CA MET A 182 -19.74 -18.30 -3.51
C MET A 182 -20.40 -19.63 -3.93
N VAL A 183 -21.68 -19.56 -4.31
CA VAL A 183 -22.39 -20.74 -4.78
C VAL A 183 -21.68 -21.34 -5.99
N HIS A 184 -21.26 -20.48 -6.93
CA HIS A 184 -20.51 -20.95 -8.09
C HIS A 184 -19.27 -21.76 -7.72
N SER A 185 -18.48 -21.30 -6.76
CA SER A 185 -17.32 -22.07 -6.36
C SER A 185 -17.65 -23.31 -5.51
N TRP A 186 -18.76 -23.29 -4.75
CA TRP A 186 -19.24 -24.53 -4.14
C TRP A 186 -19.50 -25.57 -5.25
N LEU A 187 -20.14 -25.11 -6.32
CA LEU A 187 -20.47 -25.99 -7.46
C LEU A 187 -19.20 -26.49 -8.14
N GLU A 188 -18.14 -25.66 -8.21
CA GLU A 188 -16.84 -26.11 -8.68
C GLU A 188 -16.34 -27.27 -7.81
N LEU A 189 -16.37 -27.13 -6.49
CA LEU A 189 -15.85 -28.18 -5.61
C LEU A 189 -16.67 -29.45 -5.79
N ALA A 190 -18.01 -29.31 -5.89
CA ALA A 190 -18.90 -30.47 -6.07
C ALA A 190 -18.66 -31.18 -7.41
N SER A 191 -17.92 -30.55 -8.33
CA SER A 191 -17.53 -31.15 -9.60
C SER A 191 -16.29 -32.02 -9.49
N VAL A 192 -15.56 -31.96 -8.36
CA VAL A 192 -14.31 -32.71 -8.18
C VAL A 192 -14.29 -33.57 -6.92
N ILE A 193 -15.17 -33.32 -5.92
CA ILE A 193 -15.29 -34.16 -4.75
C ILE A 193 -16.75 -34.55 -4.62
N PRO A 194 -17.07 -35.84 -4.37
CA PRO A 194 -18.47 -36.25 -4.27
C PRO A 194 -19.08 -35.91 -2.91
N PHE A 195 -20.09 -35.02 -2.91
CA PHE A 195 -20.86 -34.71 -1.70
C PHE A 195 -22.24 -34.26 -2.14
N HIS A 196 -23.04 -33.81 -1.16
CA HIS A 196 -24.41 -33.36 -1.39
C HIS A 196 -24.40 -31.84 -1.11
N PHE A 197 -24.70 -31.07 -2.16
CA PHE A 197 -24.72 -29.61 -2.13
C PHE A 197 -26.12 -29.11 -2.46
N VAL A 198 -26.65 -28.31 -1.54
CA VAL A 198 -27.94 -27.67 -1.70
C VAL A 198 -27.76 -26.16 -1.60
N CYS A 199 -28.35 -25.45 -2.56
CA CYS A 199 -28.49 -24.00 -2.54
C CYS A 199 -29.95 -23.64 -2.34
N ALA A 200 -30.28 -23.08 -1.16
CA ALA A 200 -31.61 -22.59 -0.83
C ALA A 200 -31.61 -21.08 -0.97
N CYS A 201 -32.27 -20.61 -2.03
CA CYS A 201 -32.26 -19.24 -2.48
C CYS A 201 -33.67 -18.78 -2.78
N PRO A 202 -33.96 -17.46 -2.70
CA PRO A 202 -35.27 -16.98 -3.14
C PRO A 202 -35.43 -17.09 -4.64
N LYS A 203 -36.69 -17.27 -5.10
CA LYS A 203 -36.96 -17.30 -6.52
C LYS A 203 -36.48 -16.00 -7.13
N GLY A 204 -35.79 -16.12 -8.28
CA GLY A 204 -35.23 -14.99 -8.98
C GLY A 204 -33.76 -14.75 -8.65
N TYR A 205 -33.23 -15.44 -7.61
CA TYR A 205 -31.89 -15.24 -7.10
C TYR A 205 -31.09 -16.55 -7.18
N GLU A 206 -31.41 -17.35 -8.19
CA GLU A 206 -30.75 -18.64 -8.41
C GLU A 206 -29.34 -18.46 -8.96
N PRO A 207 -28.44 -19.43 -8.71
CA PRO A 207 -27.12 -19.43 -9.33
C PRO A 207 -27.26 -19.68 -10.83
N ASP A 208 -26.18 -19.40 -11.56
N ASP A 208 -26.17 -19.44 -11.55
CA ASP A 208 -26.19 -19.53 -13.01
CA ASP A 208 -26.14 -19.53 -12.99
C ASP A 208 -26.51 -20.96 -13.41
C ASP A 208 -26.48 -20.96 -13.43
N LYS A 209 -27.47 -21.09 -14.32
CA LYS A 209 -27.91 -22.41 -14.78
C LYS A 209 -26.75 -23.21 -15.41
N GLU A 210 -25.88 -22.56 -16.18
CA GLU A 210 -24.75 -23.26 -16.81
C GLU A 210 -23.77 -23.81 -15.77
N ARG A 211 -23.59 -23.07 -14.67
CA ARG A 211 -22.70 -23.54 -13.61
C ARG A 211 -23.26 -24.74 -12.87
N VAL A 212 -24.57 -24.72 -12.58
CA VAL A 212 -25.24 -25.87 -11.99
C VAL A 212 -25.10 -27.08 -12.92
N SER A 213 -25.38 -26.89 -14.23
CA SER A 213 -25.31 -27.98 -15.17
C SER A 213 -23.90 -28.55 -15.29
N LYS A 214 -22.87 -27.69 -15.26
CA LYS A 214 -21.51 -28.19 -15.36
C LYS A 214 -21.16 -29.06 -14.15
N ALA A 215 -21.64 -28.71 -12.95
CA ALA A 215 -21.44 -29.56 -11.76
C ALA A 215 -22.12 -30.92 -11.95
N LYS A 216 -23.34 -30.90 -12.48
CA LYS A 216 -24.10 -32.13 -12.68
C LYS A 216 -23.45 -33.02 -13.73
N GLN A 217 -22.88 -32.40 -14.76
CA GLN A 217 -22.19 -33.12 -15.82
C GLN A 217 -21.08 -34.00 -15.23
N ALA A 218 -20.38 -33.52 -14.17
CA ALA A 218 -19.25 -34.25 -13.59
C ALA A 218 -19.71 -35.55 -12.93
N GLY A 219 -20.99 -35.61 -12.51
CA GLY A 219 -21.57 -36.86 -12.04
C GLY A 219 -21.06 -37.34 -10.68
N LEU A 220 -20.46 -36.49 -9.84
CA LEU A 220 -19.94 -36.92 -8.54
C LEU A 220 -20.93 -36.63 -7.42
N SER A 221 -21.60 -35.49 -7.53
CA SER A 221 -22.32 -34.92 -6.39
C SER A 221 -23.82 -34.86 -6.63
N LYS A 222 -24.60 -34.91 -5.54
CA LYS A 222 -26.02 -34.62 -5.57
C LYS A 222 -26.20 -33.11 -5.40
N ILE A 223 -26.81 -32.45 -6.40
CA ILE A 223 -26.88 -30.98 -6.48
C ILE A 223 -28.36 -30.61 -6.52
N GLU A 224 -28.81 -29.79 -5.55
CA GLU A 224 -30.19 -29.32 -5.52
C GLU A 224 -30.26 -27.80 -5.35
N ILE A 225 -31.18 -27.18 -6.08
CA ILE A 225 -31.55 -25.78 -5.95
C ILE A 225 -33.00 -25.78 -5.45
N THR A 226 -33.26 -25.04 -4.37
CA THR A 226 -34.56 -25.05 -3.71
C THR A 226 -34.86 -23.63 -3.20
N ASN A 227 -36.14 -23.35 -2.95
CA ASN A 227 -36.54 -22.07 -2.35
C ASN A 227 -37.05 -22.23 -0.92
N ASP A 228 -36.77 -23.40 -0.31
CA ASP A 228 -37.28 -23.73 1.02
C ASP A 228 -36.12 -24.03 1.99
N PRO A 229 -35.56 -23.01 2.65
CA PRO A 229 -34.40 -23.23 3.53
C PRO A 229 -34.68 -24.11 4.74
N LYS A 230 -35.90 -24.01 5.27
CA LYS A 230 -36.26 -24.77 6.47
C LYS A 230 -36.21 -26.27 6.21
N GLU A 231 -36.58 -26.71 5.00
CA GLU A 231 -36.42 -28.10 4.64
C GLU A 231 -34.97 -28.45 4.27
N ALA A 232 -34.32 -27.54 3.55
CA ALA A 232 -33.01 -27.77 2.99
C ALA A 232 -31.99 -28.14 4.07
N VAL A 233 -32.00 -27.39 5.20
CA VAL A 233 -30.93 -27.52 6.15
C VAL A 233 -30.93 -28.83 6.94
N ILE A 234 -32.05 -29.59 6.91
CA ILE A 234 -32.17 -30.76 7.76
C ILE A 234 -31.05 -31.75 7.45
N GLY A 235 -30.28 -32.10 8.49
CA GLY A 235 -29.22 -33.08 8.40
C GLY A 235 -27.88 -32.54 7.87
N ALA A 236 -27.78 -31.21 7.74
CA ALA A 236 -26.56 -30.57 7.24
C ALA A 236 -25.36 -30.86 8.13
N ASP A 237 -24.22 -31.05 7.47
CA ASP A 237 -22.93 -30.93 8.14
C ASP A 237 -22.48 -29.47 8.20
N VAL A 238 -22.87 -28.68 7.18
CA VAL A 238 -22.52 -27.26 7.07
C VAL A 238 -23.74 -26.48 6.62
N VAL A 239 -24.03 -25.39 7.35
CA VAL A 239 -24.95 -24.36 6.87
C VAL A 239 -24.07 -23.14 6.59
N TYR A 240 -24.14 -22.65 5.34
CA TYR A 240 -23.28 -21.57 4.87
C TYR A 240 -24.11 -20.36 4.46
N SER A 241 -23.65 -19.16 4.80
CA SER A 241 -24.29 -17.94 4.31
C SER A 241 -23.24 -16.92 3.90
N ASP A 242 -23.76 -15.79 3.39
CA ASP A 242 -22.98 -14.72 2.78
C ASP A 242 -23.93 -13.52 2.66
N VAL A 243 -23.39 -12.32 2.42
CA VAL A 243 -24.23 -11.16 2.25
C VAL A 243 -25.18 -11.36 1.07
N TRP A 244 -26.39 -10.78 1.22
CA TRP A 244 -27.41 -10.93 0.21
C TRP A 244 -27.16 -10.04 -0.99
N ALA A 245 -26.59 -8.83 -0.76
CA ALA A 245 -26.11 -7.96 -1.81
C ALA A 245 -24.58 -7.94 -1.80
N SER A 246 -23.96 -8.53 -2.84
CA SER A 246 -22.52 -8.61 -2.92
C SER A 246 -21.90 -7.25 -3.26
N MET A 247 -20.57 -7.16 -3.14
CA MET A 247 -19.87 -5.99 -3.63
C MET A 247 -20.21 -5.80 -5.11
N GLY A 248 -20.53 -4.56 -5.50
CA GLY A 248 -20.94 -4.24 -6.85
C GLY A 248 -22.46 -4.19 -7.05
N GLN A 249 -23.22 -4.67 -6.05
CA GLN A 249 -24.66 -4.72 -6.11
C GLN A 249 -25.27 -4.03 -4.88
N LYS A 250 -24.49 -3.21 -4.16
CA LYS A 250 -25.00 -2.66 -2.90
C LYS A 250 -26.19 -1.70 -3.06
N ASP A 251 -26.42 -1.19 -4.29
CA ASP A 251 -27.60 -0.36 -4.58
C ASP A 251 -28.90 -1.20 -4.48
N GLU A 252 -28.75 -2.52 -4.45
CA GLU A 252 -29.89 -3.42 -4.35
C GLU A 252 -30.14 -3.88 -2.91
N ALA A 253 -29.42 -3.36 -1.92
CA ALA A 253 -29.50 -3.93 -0.59
C ALA A 253 -30.93 -3.90 -0.05
N GLU A 254 -31.63 -2.77 -0.15
CA GLU A 254 -32.98 -2.70 0.45
C GLU A 254 -33.95 -3.65 -0.27
N ALA A 255 -33.89 -3.69 -1.61
CA ALA A 255 -34.75 -4.60 -2.37
C ALA A 255 -34.49 -6.05 -1.99
N ARG A 256 -33.21 -6.40 -1.84
CA ARG A 256 -32.84 -7.77 -1.50
C ARG A 256 -33.29 -8.09 -0.06
N ARG A 257 -33.14 -7.16 0.87
CA ARG A 257 -33.54 -7.42 2.26
CA ARG A 257 -33.51 -7.49 2.23
C ARG A 257 -34.99 -7.90 2.26
N LYS A 258 -35.81 -7.25 1.46
CA LYS A 258 -37.26 -7.60 1.40
C LYS A 258 -37.49 -8.94 0.68
N ALA A 259 -36.83 -9.15 -0.46
CA ALA A 259 -36.97 -10.40 -1.24
C ALA A 259 -36.42 -11.64 -0.53
N PHE A 260 -35.54 -11.42 0.44
CA PHE A 260 -34.91 -12.52 1.13
C PHE A 260 -35.56 -12.82 2.49
N GLN A 261 -36.68 -12.19 2.80
CA GLN A 261 -37.33 -12.60 4.08
CA GLN A 261 -37.54 -12.57 3.97
C GLN A 261 -37.64 -14.13 4.09
N GLY A 262 -37.24 -14.73 5.20
CA GLY A 262 -37.29 -16.18 5.35
C GLY A 262 -35.98 -16.90 5.12
N PHE A 263 -34.95 -16.15 4.66
CA PHE A 263 -33.64 -16.73 4.37
C PHE A 263 -32.58 -16.36 5.42
N GLN A 264 -32.92 -15.58 6.47
CA GLN A 264 -31.94 -15.34 7.51
C GLN A 264 -31.57 -16.65 8.22
N VAL A 265 -30.25 -16.84 8.46
CA VAL A 265 -29.78 -17.91 9.30
C VAL A 265 -29.81 -17.45 10.74
N ASP A 266 -30.81 -17.96 11.47
CA ASP A 266 -30.98 -17.65 12.88
C ASP A 266 -30.80 -18.94 13.69
N GLU A 267 -30.92 -18.80 15.00
CA GLU A 267 -30.74 -19.97 15.89
C GLU A 267 -31.83 -21.03 15.60
N ALA A 268 -33.03 -20.57 15.25
CA ALA A 268 -34.09 -21.53 14.93
C ALA A 268 -33.74 -22.38 13.70
N LEU A 269 -33.15 -21.78 12.67
CA LEU A 269 -32.77 -22.52 11.47
C LEU A 269 -31.64 -23.52 11.78
N MET A 270 -30.68 -23.13 12.61
CA MET A 270 -29.57 -23.99 12.98
C MET A 270 -30.10 -25.16 13.82
N LYS A 271 -31.13 -24.93 14.66
CA LYS A 271 -31.77 -26.00 15.40
C LYS A 271 -32.41 -27.03 14.43
N LEU A 272 -33.11 -26.54 13.38
CA LEU A 272 -33.71 -27.41 12.36
C LEU A 272 -32.60 -28.20 11.65
N ALA A 273 -31.44 -27.58 11.43
CA ALA A 273 -30.35 -28.25 10.73
C ALA A 273 -29.90 -29.50 11.48
N GLY A 274 -29.78 -29.38 12.81
CA GLY A 274 -29.41 -30.52 13.63
C GLY A 274 -28.06 -30.35 14.34
N GLN A 275 -27.77 -31.34 15.18
CA GLN A 275 -26.69 -31.31 16.15
C GLN A 275 -25.31 -31.40 15.49
N LYS A 276 -25.20 -31.96 14.29
CA LYS A 276 -23.86 -32.03 13.70
C LYS A 276 -23.55 -30.85 12.77
N ALA A 277 -24.46 -29.87 12.66
CA ALA A 277 -24.26 -28.79 11.71
C ALA A 277 -23.30 -27.74 12.26
N TYR A 278 -22.26 -27.48 11.48
CA TYR A 278 -21.41 -26.31 11.65
C TYR A 278 -21.98 -25.11 10.88
N PHE A 279 -21.71 -23.89 11.40
CA PHE A 279 -22.04 -22.68 10.67
C PHE A 279 -20.77 -22.09 10.06
N MET A 280 -20.84 -21.75 8.76
CA MET A 280 -19.76 -21.16 8.02
C MET A 280 -20.29 -19.93 7.24
N HIS A 281 -19.39 -18.93 7.09
CA HIS A 281 -19.73 -17.69 6.38
C HIS A 281 -18.40 -17.12 5.88
N CYS A 282 -18.32 -16.81 4.58
CA CYS A 282 -17.05 -16.33 4.03
C CYS A 282 -16.55 -15.06 4.71
N LEU A 283 -17.50 -14.24 5.19
CA LEU A 283 -17.25 -12.92 5.81
C LEU A 283 -16.92 -11.91 4.69
N PRO A 284 -17.10 -10.59 4.90
CA PRO A 284 -17.68 -9.99 6.10
C PRO A 284 -19.16 -10.39 6.26
N ALA A 285 -19.62 -10.42 7.52
CA ALA A 285 -21.00 -10.68 7.89
C ALA A 285 -21.72 -9.41 8.33
N GLU A 286 -23.02 -9.36 8.02
CA GLU A 286 -23.91 -8.27 8.40
C GLU A 286 -24.98 -8.83 9.33
N ARG A 287 -24.67 -8.84 10.63
CA ARG A 287 -25.61 -9.30 11.62
C ARG A 287 -26.91 -8.51 11.51
N GLY A 288 -28.03 -9.26 11.61
CA GLY A 288 -29.38 -8.75 11.49
C GLY A 288 -29.90 -8.78 10.06
N VAL A 289 -29.01 -9.14 9.13
CA VAL A 289 -29.42 -9.27 7.71
C VAL A 289 -29.45 -10.77 7.36
N GLU A 290 -28.36 -11.31 6.82
CA GLU A 290 -28.34 -12.70 6.40
C GLU A 290 -28.17 -13.68 7.57
N VAL A 291 -27.73 -13.16 8.75
CA VAL A 291 -27.39 -14.03 9.88
C VAL A 291 -27.57 -13.23 11.17
N THR A 292 -27.88 -13.91 12.28
CA THR A 292 -27.98 -13.26 13.58
C THR A 292 -26.62 -13.28 14.28
N ASN A 293 -26.46 -12.37 15.26
CA ASN A 293 -25.31 -12.39 16.13
C ASN A 293 -25.17 -13.73 16.83
N GLY A 294 -26.30 -14.25 17.35
CA GLY A 294 -26.25 -15.49 18.08
C GLY A 294 -25.66 -16.66 17.30
N VAL A 295 -25.96 -16.72 16.00
CA VAL A 295 -25.40 -17.77 15.15
C VAL A 295 -23.91 -17.51 14.93
N VAL A 296 -23.52 -16.27 14.57
CA VAL A 296 -22.10 -16.02 14.28
C VAL A 296 -21.23 -16.37 15.49
N GLU A 297 -21.73 -16.07 16.71
CA GLU A 297 -20.97 -16.26 17.92
C GLU A 297 -21.19 -17.62 18.61
N ALA A 298 -21.99 -18.53 18.03
CA ALA A 298 -22.32 -19.80 18.66
C ALA A 298 -21.13 -20.77 18.68
N PRO A 299 -21.17 -21.80 19.55
CA PRO A 299 -20.09 -22.80 19.58
C PRO A 299 -19.92 -23.57 18.26
N TYR A 300 -21.01 -23.71 17.50
CA TYR A 300 -20.96 -24.43 16.22
C TYR A 300 -20.48 -23.53 15.08
N SER A 301 -20.30 -22.23 15.31
CA SER A 301 -19.77 -21.31 14.29
C SER A 301 -18.25 -21.42 14.21
N ILE A 302 -17.74 -21.64 12.99
CA ILE A 302 -16.30 -21.80 12.79
C ILE A 302 -15.79 -20.75 11.81
N VAL A 303 -16.43 -19.57 11.79
CA VAL A 303 -16.04 -18.52 10.85
C VAL A 303 -14.60 -18.04 11.03
N PHE A 304 -14.05 -18.03 12.26
CA PHE A 304 -12.70 -17.49 12.43
C PHE A 304 -11.65 -18.51 12.03
N PRO A 305 -11.76 -19.80 12.42
CA PRO A 305 -10.85 -20.80 11.84
C PRO A 305 -10.94 -20.86 10.31
N GLN A 306 -12.18 -20.68 9.81
CA GLN A 306 -12.42 -20.64 8.37
C GLN A 306 -11.60 -19.53 7.68
N ALA A 307 -11.69 -18.31 8.25
CA ALA A 307 -10.97 -17.18 7.69
C ALA A 307 -9.45 -17.43 7.71
N GLU A 308 -8.93 -17.99 8.82
CA GLU A 308 -7.50 -18.26 8.91
C GLU A 308 -7.04 -19.13 7.75
N ASN A 309 -7.89 -20.10 7.40
CA ASN A 309 -7.52 -21.09 6.39
C ASN A 309 -7.40 -20.52 4.97
N ARG A 310 -7.79 -19.27 4.80
CA ARG A 310 -7.54 -18.64 3.49
C ARG A 310 -6.02 -18.62 3.26
N MET A 311 -5.24 -18.28 4.29
CA MET A 311 -3.81 -18.17 4.10
C MET A 311 -3.23 -19.55 3.80
N HIS A 312 -3.65 -20.59 4.52
CA HIS A 312 -3.06 -21.91 4.40
C HIS A 312 -3.41 -22.55 3.05
N ALA A 313 -4.67 -22.44 2.62
CA ALA A 313 -5.06 -23.00 1.32
C ALA A 313 -4.36 -22.26 0.18
N GLN A 314 -4.32 -20.91 0.24
CA GLN A 314 -3.69 -20.12 -0.82
C GLN A 314 -2.18 -20.38 -0.89
N ASN A 315 -1.53 -20.56 0.27
CA ASN A 315 -0.11 -20.88 0.27
C ASN A 315 0.14 -22.16 -0.56
N ALA A 316 -0.68 -23.20 -0.33
CA ALA A 316 -0.54 -24.40 -1.11
C ALA A 316 -0.83 -24.22 -2.60
N ILE A 317 -1.87 -23.44 -2.91
CA ILE A 317 -2.19 -23.13 -4.30
C ILE A 317 -0.99 -22.46 -4.97
N MET A 318 -0.41 -21.44 -4.33
CA MET A 318 0.70 -20.71 -4.93
C MET A 318 1.92 -21.63 -5.10
N LEU A 319 2.22 -22.45 -4.09
CA LEU A 319 3.29 -23.42 -4.19
C LEU A 319 3.09 -24.32 -5.41
N HIS A 320 1.86 -24.81 -5.58
CA HIS A 320 1.56 -25.71 -6.72
C HIS A 320 1.82 -24.98 -8.05
N LEU A 321 1.26 -23.77 -8.21
CA LEU A 321 1.40 -23.03 -9.44
C LEU A 321 2.85 -22.68 -9.77
N LEU A 322 3.70 -22.51 -8.75
CA LEU A 322 5.09 -22.14 -8.97
C LEU A 322 6.03 -23.34 -8.99
N GLY A 323 5.47 -24.56 -9.03
CA GLY A 323 6.27 -25.76 -9.30
C GLY A 323 6.81 -26.51 -8.08
N PHE A 324 6.30 -26.16 -6.88
CA PHE A 324 6.69 -26.80 -5.65
C PHE A 324 5.68 -27.87 -5.17
N LEU B 21 27.04 14.05 -7.74
CA LEU B 21 25.67 14.60 -7.49
C LEU B 21 24.83 13.65 -6.64
N LYS B 22 24.05 14.25 -5.75
CA LYS B 22 23.30 13.47 -4.80
C LYS B 22 22.13 12.79 -5.53
N ASP B 23 21.48 13.46 -6.50
CA ASP B 23 20.12 13.14 -6.91
C ASP B 23 20.08 12.76 -8.39
N PHE B 24 18.95 12.13 -8.82
CA PHE B 24 18.75 11.85 -10.24
C PHE B 24 17.46 12.54 -10.70
N LEU B 25 17.61 13.80 -11.13
CA LEU B 25 16.47 14.63 -11.46
C LEU B 25 16.31 14.90 -12.96
N ALA B 26 17.42 14.76 -13.72
CA ALA B 26 17.45 15.02 -15.16
C ALA B 26 18.70 14.31 -15.70
N ILE B 27 18.62 13.69 -16.88
CA ILE B 27 19.73 12.86 -17.32
C ILE B 27 21.00 13.70 -17.50
N ASP B 28 20.87 14.92 -18.06
CA ASP B 28 22.08 15.70 -18.36
C ASP B 28 22.53 16.55 -17.18
N ASP B 29 22.06 16.23 -15.95
CA ASP B 29 22.83 16.62 -14.76
C ASP B 29 24.15 15.84 -14.61
N PHE B 30 24.30 14.74 -15.34
CA PHE B 30 25.44 13.88 -15.33
C PHE B 30 26.14 13.99 -16.68
N ASP B 31 27.43 13.63 -16.70
CA ASP B 31 28.22 13.66 -17.91
C ASP B 31 28.04 12.37 -18.70
N THR B 32 28.54 12.41 -19.93
CA THR B 32 28.44 11.27 -20.84
C THR B 32 28.98 9.98 -20.22
N ALA B 33 30.21 10.03 -19.67
CA ALA B 33 30.85 8.85 -19.12
C ALA B 33 30.01 8.21 -18.01
N THR B 34 29.43 9.06 -17.14
CA THR B 34 28.62 8.56 -16.01
C THR B 34 27.33 7.89 -16.51
N ILE B 35 26.66 8.53 -17.48
CA ILE B 35 25.43 7.96 -18.05
C ILE B 35 25.74 6.60 -18.71
N LYS B 36 26.86 6.52 -19.45
CA LYS B 36 27.23 5.27 -20.11
C LYS B 36 27.55 4.19 -19.07
N THR B 37 28.26 4.55 -18.01
CA THR B 37 28.54 3.64 -16.91
C THR B 37 27.28 3.08 -16.24
N ILE B 38 26.30 3.96 -15.98
CA ILE B 38 25.02 3.50 -15.44
C ILE B 38 24.35 2.53 -16.40
N LEU B 39 24.34 2.83 -17.70
CA LEU B 39 23.68 1.93 -18.65
C LEU B 39 24.41 0.59 -18.74
N ASP B 40 25.75 0.58 -18.64
CA ASP B 40 26.52 -0.67 -18.60
C ASP B 40 26.15 -1.49 -17.37
N LYS B 41 26.08 -0.82 -16.21
CA LYS B 41 25.70 -1.53 -14.98
CA LYS B 41 25.68 -1.50 -14.98
C LYS B 41 24.27 -2.09 -15.09
N ALA B 42 23.39 -1.35 -15.75
CA ALA B 42 22.02 -1.79 -15.94
C ALA B 42 22.02 -3.14 -16.64
N SER B 43 22.81 -3.29 -17.73
CA SER B 43 22.92 -4.59 -18.42
C SER B 43 23.48 -5.71 -17.51
N GLU B 44 24.51 -5.38 -16.71
CA GLU B 44 25.18 -6.38 -15.88
CA GLU B 44 25.19 -6.37 -15.87
C GLU B 44 24.23 -6.92 -14.81
N VAL B 45 23.52 -6.03 -14.10
CA VAL B 45 22.63 -6.47 -13.03
C VAL B 45 21.41 -7.17 -13.63
N LYS B 46 20.92 -6.68 -14.76
CA LYS B 46 19.82 -7.37 -15.46
C LYS B 46 20.22 -8.82 -15.77
N ALA B 47 21.42 -9.01 -16.33
CA ALA B 47 21.87 -10.36 -16.64
C ALA B 47 21.96 -11.25 -15.39
N LEU B 48 22.43 -10.69 -14.26
CA LEU B 48 22.49 -11.43 -13.02
C LEU B 48 21.07 -11.87 -12.60
N LEU B 49 20.09 -10.97 -12.64
CA LEU B 49 18.75 -11.35 -12.25
C LEU B 49 18.16 -12.37 -13.24
N LYS B 50 18.42 -12.20 -14.53
CA LYS B 50 17.91 -13.14 -15.57
C LYS B 50 18.50 -14.54 -15.39
N SER B 51 19.68 -14.68 -14.79
CA SER B 51 20.28 -15.98 -14.56
C SER B 51 19.52 -16.77 -13.49
N GLY B 52 18.65 -16.08 -12.76
CA GLY B 52 18.04 -16.67 -11.57
C GLY B 52 18.82 -16.38 -10.26
N GLU B 53 19.92 -15.64 -10.32
CA GLU B 53 20.62 -15.29 -9.06
C GLU B 53 19.73 -14.43 -8.16
N ARG B 54 19.56 -14.85 -6.90
CA ARG B 54 18.91 -13.97 -5.96
C ARG B 54 19.77 -13.71 -4.72
N ASN B 55 21.09 -13.86 -4.84
CA ASN B 55 22.11 -13.77 -3.81
CA ASN B 55 21.88 -13.55 -3.63
C ASN B 55 22.90 -12.45 -3.89
N TYR B 56 22.50 -11.50 -4.72
CA TYR B 56 23.17 -10.19 -4.76
C TYR B 56 22.20 -9.16 -4.18
N LEU B 57 22.46 -8.77 -2.91
CA LEU B 57 21.49 -7.99 -2.15
C LEU B 57 22.14 -6.73 -1.57
N PRO B 58 22.64 -5.84 -2.45
CA PRO B 58 23.35 -4.65 -1.98
C PRO B 58 22.53 -3.67 -1.15
N PHE B 59 21.20 -3.73 -1.27
CA PHE B 59 20.27 -2.86 -0.54
C PHE B 59 19.74 -3.49 0.74
N LYS B 60 20.33 -4.59 1.18
CA LYS B 60 19.94 -5.18 2.46
C LYS B 60 19.95 -4.09 3.54
N GLY B 61 18.86 -4.00 4.33
CA GLY B 61 18.83 -3.05 5.42
C GLY B 61 18.52 -1.61 5.00
N LYS B 62 18.22 -1.38 3.70
CA LYS B 62 17.91 -0.06 3.20
C LYS B 62 16.43 0.05 2.86
N SER B 63 15.89 1.27 3.03
CA SER B 63 14.50 1.56 2.72
C SER B 63 14.42 2.76 1.76
N MET B 64 13.31 2.79 1.01
CA MET B 64 12.98 3.84 0.06
C MET B 64 11.54 4.25 0.25
N SER B 65 11.28 5.57 0.44
CA SER B 65 9.90 6.06 0.39
C SER B 65 9.62 6.52 -1.05
N MET B 66 8.51 6.01 -1.60
CA MET B 66 8.00 6.36 -2.93
C MET B 66 6.76 7.24 -2.78
N ILE B 67 6.86 8.49 -3.22
CA ILE B 67 5.75 9.45 -3.16
C ILE B 67 5.11 9.55 -4.54
N PHE B 68 3.82 9.23 -4.63
CA PHE B 68 3.07 9.30 -5.88
C PHE B 68 1.91 10.28 -5.79
N ALA B 69 1.89 11.25 -6.72
CA ALA B 69 0.79 12.20 -6.80
C ALA B 69 -0.42 11.62 -7.55
N LYS B 70 -0.25 10.54 -8.34
CA LYS B 70 -1.32 9.94 -9.16
C LYS B 70 -1.14 8.42 -9.32
N PRO B 71 -2.14 7.70 -9.93
CA PRO B 71 -2.00 6.27 -10.25
C PRO B 71 -0.72 5.98 -11.03
N SER B 72 -0.22 4.74 -10.93
CA SER B 72 0.96 4.29 -11.65
C SER B 72 1.00 2.76 -11.60
N MET B 73 1.29 2.16 -12.74
CA MET B 73 1.67 0.77 -12.78
C MET B 73 3.17 0.62 -13.04
N ARG B 74 3.67 1.17 -14.15
CA ARG B 74 5.09 0.93 -14.50
C ARG B 74 6.01 1.50 -13.42
N THR B 75 5.89 2.80 -13.11
CA THR B 75 6.85 3.36 -12.15
C THR B 75 6.74 2.67 -10.78
N ARG B 76 5.49 2.50 -10.29
CA ARG B 76 5.23 1.84 -9.02
C ARG B 76 5.88 0.45 -8.98
N VAL B 77 5.46 -0.43 -9.91
CA VAL B 77 5.85 -1.82 -9.78
C VAL B 77 7.35 -1.98 -10.04
N SER B 78 7.91 -1.24 -11.03
CA SER B 78 9.31 -1.36 -11.32
C SER B 78 10.22 -0.94 -10.16
N PHE B 79 9.89 0.20 -9.52
CA PHE B 79 10.67 0.64 -8.36
C PHE B 79 10.53 -0.32 -7.18
N GLU B 80 9.27 -0.68 -6.85
CA GLU B 80 9.06 -1.51 -5.66
C GLU B 80 9.69 -2.92 -5.83
N THR B 81 9.46 -3.54 -7.00
CA THR B 81 10.01 -4.86 -7.30
C THR B 81 11.53 -4.82 -7.35
N GLY B 82 12.09 -3.81 -8.06
CA GLY B 82 13.53 -3.76 -8.21
C GLY B 82 14.26 -3.60 -6.87
N PHE B 83 13.71 -2.70 -6.04
CA PHE B 83 14.30 -2.44 -4.74
C PHE B 83 14.27 -3.71 -3.86
N PHE B 84 13.15 -4.47 -3.92
CA PHE B 84 13.04 -5.77 -3.28
C PHE B 84 14.08 -6.77 -3.79
N LEU B 85 14.24 -6.84 -5.13
CA LEU B 85 15.14 -7.82 -5.71
C LEU B 85 16.60 -7.57 -5.32
N LEU B 86 16.93 -6.32 -4.99
CA LEU B 86 18.27 -5.96 -4.52
C LEU B 86 18.39 -5.89 -3.00
N GLY B 87 17.32 -6.32 -2.28
CA GLY B 87 17.42 -6.59 -0.86
C GLY B 87 16.78 -5.54 0.07
N GLY B 88 16.21 -4.46 -0.47
CA GLY B 88 15.64 -3.42 0.36
C GLY B 88 14.12 -3.48 0.47
N HIS B 89 13.52 -2.47 1.12
CA HIS B 89 12.08 -2.33 1.22
C HIS B 89 11.66 -0.94 0.76
N ALA B 90 10.77 -0.90 -0.26
CA ALA B 90 10.16 0.33 -0.75
C ALA B 90 8.76 0.50 -0.16
N LEU B 91 8.49 1.68 0.41
CA LEU B 91 7.18 2.07 0.91
C LEU B 91 6.41 2.85 -0.15
N TYR B 92 5.13 2.48 -0.34
CA TYR B 92 4.25 3.18 -1.26
C TYR B 92 3.39 4.21 -0.54
N LEU B 93 3.69 5.49 -0.80
CA LEU B 93 2.91 6.60 -0.26
C LEU B 93 2.09 7.22 -1.39
N GLY B 94 0.82 6.85 -1.45
CA GLY B 94 -0.03 7.23 -2.55
C GLY B 94 -0.61 8.64 -2.42
N PRO B 95 -1.42 9.09 -3.41
CA PRO B 95 -1.90 10.46 -3.47
C PRO B 95 -2.56 10.94 -2.15
N ASN B 96 -3.34 10.08 -1.46
CA ASN B 96 -4.04 10.53 -0.27
C ASN B 96 -3.30 10.22 1.05
N ASP B 97 -2.08 9.67 0.92
CA ASP B 97 -1.27 9.29 2.07
C ASP B 97 -0.47 10.51 2.53
N ILE B 98 0.04 11.36 1.64
CA ILE B 98 0.72 12.46 2.29
C ILE B 98 0.46 13.87 1.73
N GLN B 99 0.19 14.03 0.42
CA GLN B 99 -0.26 15.30 -0.12
C GLN B 99 0.86 16.39 -0.21
N MET B 100 2.07 15.97 -0.53
CA MET B 100 3.24 16.83 -0.55
C MET B 100 3.01 18.13 -1.34
N GLY B 101 3.17 19.26 -0.65
CA GLY B 101 2.81 20.56 -1.19
C GLY B 101 1.39 21.02 -0.84
N LYS B 102 0.55 20.15 -0.21
CA LYS B 102 -0.87 20.43 0.07
C LYS B 102 -1.27 20.30 1.57
N ARG B 103 -1.26 19.11 2.16
CA ARG B 103 -1.51 18.95 3.63
C ARG B 103 -0.25 19.29 4.44
N GLU B 104 0.91 19.33 3.79
CA GLU B 104 2.18 19.50 4.48
C GLU B 104 3.20 19.97 3.45
N GLU B 105 4.05 20.93 3.81
CA GLU B 105 4.98 21.50 2.87
C GLU B 105 6.07 20.50 2.50
N THR B 106 6.53 20.61 1.25
CA THR B 106 7.55 19.72 0.71
C THR B 106 8.81 19.72 1.61
N ARG B 107 9.25 20.91 2.08
CA ARG B 107 10.45 20.97 2.91
C ARG B 107 10.32 20.14 4.19
N ASP B 108 9.10 20.05 4.75
CA ASP B 108 8.87 19.26 5.95
C ASP B 108 8.86 17.75 5.64
N VAL B 109 8.20 17.38 4.55
CA VAL B 109 8.20 16.01 4.07
C VAL B 109 9.64 15.53 3.86
N ALA B 110 10.44 16.34 3.16
CA ALA B 110 11.82 15.99 2.87
C ALA B 110 12.61 15.69 4.15
N ARG B 111 12.49 16.60 5.13
CA ARG B 111 13.29 16.49 6.33
C ARG B 111 12.86 15.34 7.23
N VAL B 112 11.57 14.98 7.22
CA VAL B 112 11.09 13.82 7.95
C VAL B 112 11.53 12.52 7.26
N LEU B 113 11.22 12.37 5.97
CA LEU B 113 11.53 11.09 5.35
C LEU B 113 13.04 10.83 5.28
N SER B 114 13.86 11.88 5.13
CA SER B 114 15.32 11.73 5.18
C SER B 114 15.82 11.12 6.50
N ARG B 115 15.04 11.23 7.56
CA ARG B 115 15.47 10.66 8.86
C ARG B 115 14.99 9.22 9.04
N TYR B 116 14.03 8.79 8.21
CA TYR B 116 13.62 7.40 8.29
C TYR B 116 14.27 6.49 7.24
N ASN B 117 14.43 7.02 6.01
CA ASN B 117 14.73 6.20 4.84
C ASN B 117 16.10 6.58 4.26
N ASP B 118 16.57 5.77 3.30
CA ASP B 118 17.88 5.93 2.66
C ASP B 118 17.84 6.63 1.31
N ILE B 119 16.64 6.73 0.72
CA ILE B 119 16.45 7.28 -0.62
C ILE B 119 14.95 7.53 -0.77
N ILE B 120 14.61 8.55 -1.57
CA ILE B 120 13.23 8.97 -1.83
C ILE B 120 13.02 9.02 -3.35
N MET B 121 11.96 8.36 -3.82
CA MET B 121 11.51 8.52 -5.20
CA MET B 121 11.50 8.50 -5.20
C MET B 121 10.22 9.32 -5.19
N ALA B 122 10.13 10.37 -6.04
CA ALA B 122 8.91 11.15 -6.10
C ALA B 122 8.42 11.37 -7.52
N ARG B 123 7.10 11.16 -7.64
CA ARG B 123 6.36 11.48 -8.89
C ARG B 123 5.46 12.65 -8.46
N VAL B 124 5.63 13.81 -9.06
CA VAL B 124 4.98 15.05 -8.66
C VAL B 124 4.46 15.77 -9.91
N PHE B 125 3.70 16.84 -9.72
CA PHE B 125 3.29 17.69 -10.83
C PHE B 125 4.34 18.75 -11.10
N ALA B 126 4.33 19.84 -10.34
CA ALA B 126 5.28 20.91 -10.62
C ALA B 126 6.70 20.39 -10.43
N HIS B 127 7.55 20.62 -11.44
CA HIS B 127 8.95 20.29 -11.32
C HIS B 127 9.60 20.92 -10.09
N GLN B 128 9.19 22.16 -9.76
CA GLN B 128 9.74 22.81 -8.59
C GLN B 128 9.55 21.98 -7.31
N ASP B 129 8.49 21.18 -7.22
CA ASP B 129 8.29 20.34 -6.03
C ASP B 129 9.38 19.27 -5.92
N ILE B 130 9.83 18.71 -7.05
CA ILE B 130 10.95 17.71 -7.00
C ILE B 130 12.27 18.42 -6.66
N LEU B 131 12.46 19.65 -7.19
CA LEU B 131 13.67 20.39 -6.81
C LEU B 131 13.69 20.69 -5.32
N ASP B 132 12.55 21.10 -4.79
CA ASP B 132 12.43 21.39 -3.37
C ASP B 132 12.73 20.15 -2.53
N LEU B 133 12.16 18.99 -2.91
CA LEU B 133 12.37 17.75 -2.19
C LEU B 133 13.87 17.42 -2.18
N ALA B 134 14.55 17.56 -3.34
CA ALA B 134 15.98 17.27 -3.40
C ALA B 134 16.77 18.24 -2.51
N ASN B 135 16.39 19.51 -2.56
CA ASN B 135 17.12 20.56 -1.82
C ASN B 135 17.04 20.36 -0.32
N TYR B 136 15.90 19.88 0.17
CA TYR B 136 15.69 19.75 1.60
C TYR B 136 15.98 18.34 2.12
N SER B 137 16.20 17.36 1.24
CA SER B 137 16.51 15.98 1.62
CA SER B 137 16.50 15.99 1.62
C SER B 137 18.01 15.75 1.78
N SER B 138 18.43 15.12 2.87
CA SER B 138 19.81 14.72 3.08
C SER B 138 20.17 13.42 2.36
N VAL B 139 19.15 12.71 1.86
CA VAL B 139 19.31 11.46 1.14
C VAL B 139 19.10 11.73 -0.35
N PRO B 140 19.51 10.79 -1.24
CA PRO B 140 19.23 10.96 -2.66
C PRO B 140 17.74 10.95 -2.98
N VAL B 141 17.38 11.79 -3.95
CA VAL B 141 16.06 11.85 -4.53
C VAL B 141 16.11 11.44 -6.00
N VAL B 142 15.15 10.56 -6.38
N VAL B 142 15.18 10.53 -6.38
CA VAL B 142 14.97 10.11 -7.74
CA VAL B 142 15.06 10.09 -7.76
C VAL B 142 13.66 10.65 -8.27
C VAL B 142 13.70 10.58 -8.29
N ASN B 143 13.74 11.24 -9.45
CA ASN B 143 12.57 11.77 -10.13
C ASN B 143 11.85 10.63 -10.87
N GLY B 144 10.61 10.38 -10.49
CA GLY B 144 9.79 9.32 -11.07
C GLY B 144 8.76 9.79 -12.10
N LEU B 145 8.88 11.06 -12.51
CA LEU B 145 7.99 11.78 -13.46
CA LEU B 145 7.97 11.78 -13.46
C LEU B 145 7.45 13.12 -12.88
N THR B 146 7.72 14.20 -13.62
CA THR B 146 7.13 15.48 -13.30
C THR B 146 6.41 16.05 -14.53
N ASP B 147 5.81 17.23 -14.41
CA ASP B 147 5.24 17.93 -15.55
C ASP B 147 6.36 18.28 -16.56
N HIS B 148 7.59 18.44 -16.06
CA HIS B 148 8.70 18.86 -16.88
C HIS B 148 9.37 17.70 -17.64
N ASN B 149 9.63 16.58 -16.96
CA ASN B 149 10.47 15.55 -17.54
C ASN B 149 10.20 14.15 -16.95
N HIS B 150 10.94 13.15 -17.45
CA HIS B 150 10.75 11.72 -17.04
C HIS B 150 12.06 10.99 -17.32
N PRO B 151 13.12 11.27 -16.54
CA PRO B 151 14.44 10.80 -16.93
C PRO B 151 14.64 9.29 -16.76
N CYS B 152 13.94 8.65 -15.80
CA CYS B 152 14.09 7.22 -15.64
C CYS B 152 13.47 6.48 -16.85
N GLN B 153 12.42 7.03 -17.44
CA GLN B 153 11.80 6.39 -18.61
C GLN B 153 12.78 6.41 -19.78
N ILE B 154 13.44 7.56 -20.02
CA ILE B 154 14.37 7.66 -21.15
C ILE B 154 15.63 6.82 -20.89
N MET B 155 16.10 6.70 -19.64
CA MET B 155 17.22 5.81 -19.38
C MET B 155 16.84 4.36 -19.75
N ALA B 156 15.65 3.92 -19.38
CA ALA B 156 15.13 2.60 -19.77
C ALA B 156 15.10 2.49 -21.30
N ASP B 157 14.60 3.52 -21.98
CA ASP B 157 14.48 3.53 -23.43
C ASP B 157 15.86 3.43 -24.10
N ALA B 158 16.89 4.05 -23.53
CA ALA B 158 18.24 3.95 -24.05
C ALA B 158 18.75 2.52 -23.91
N LEU B 159 18.50 1.90 -22.73
CA LEU B 159 18.89 0.50 -22.55
C LEU B 159 18.21 -0.36 -23.63
N THR B 160 16.92 -0.13 -23.85
CA THR B 160 16.15 -0.89 -24.83
C THR B 160 16.76 -0.75 -26.23
N MET B 161 17.15 0.49 -26.57
CA MET B 161 17.77 0.75 -27.85
C MET B 161 19.10 0.01 -27.95
N ILE B 162 19.94 0.07 -26.90
CA ILE B 162 21.21 -0.64 -26.92
C ILE B 162 21.00 -2.13 -27.20
N GLU B 163 20.00 -2.72 -26.55
CA GLU B 163 19.73 -4.13 -26.73
C GLU B 163 19.23 -4.49 -28.13
N HIS B 164 18.39 -3.65 -28.75
CA HIS B 164 17.75 -3.96 -30.01
C HIS B 164 18.55 -3.46 -31.21
N ILE B 165 19.10 -2.26 -31.11
CA ILE B 165 19.82 -1.64 -32.21
C ILE B 165 21.31 -1.91 -32.09
N GLY B 166 21.83 -1.91 -30.85
CA GLY B 166 23.22 -2.13 -30.53
C GLY B 166 23.86 -0.94 -29.82
N GLN B 167 23.31 0.27 -30.05
CA GLN B 167 23.80 1.51 -29.46
CA GLN B 167 23.78 1.49 -29.43
C GLN B 167 22.78 2.62 -29.67
N VAL B 168 22.90 3.68 -28.86
CA VAL B 168 22.19 4.93 -29.09
C VAL B 168 22.92 5.84 -30.08
N GLU B 169 24.26 5.91 -29.99
CA GLU B 169 25.05 6.79 -30.84
C GLU B 169 24.69 6.62 -32.31
N GLY B 170 24.42 7.74 -32.98
CA GLY B 170 24.27 7.79 -34.43
C GLY B 170 22.91 7.29 -34.96
N THR B 171 21.96 6.99 -34.04
CA THR B 171 20.61 6.61 -34.41
C THR B 171 19.78 7.84 -34.72
N LYS B 172 18.62 7.59 -35.33
CA LYS B 172 17.58 8.59 -35.54
C LYS B 172 16.32 8.20 -34.76
N VAL B 173 15.96 9.08 -33.81
CA VAL B 173 14.80 8.92 -32.94
C VAL B 173 13.79 10.01 -33.26
N VAL B 174 12.56 9.61 -33.65
CA VAL B 174 11.51 10.53 -34.00
C VAL B 174 10.32 10.35 -33.06
N TYR B 175 10.08 11.36 -32.23
CA TYR B 175 8.92 11.42 -31.36
C TYR B 175 7.82 12.15 -32.10
N VAL B 176 6.63 11.54 -32.13
CA VAL B 176 5.47 12.09 -32.81
C VAL B 176 4.40 12.37 -31.77
N GLY B 177 4.08 13.64 -31.56
CA GLY B 177 3.09 14.02 -30.56
C GLY B 177 3.38 15.37 -29.94
N ASP B 178 2.90 15.55 -28.71
CA ASP B 178 3.02 16.79 -27.97
C ASP B 178 4.45 16.97 -27.49
N GLY B 179 4.93 18.24 -27.53
CA GLY B 179 6.23 18.61 -26.98
C GLY B 179 6.19 18.69 -25.45
N ASN B 180 6.30 17.53 -24.83
CA ASN B 180 5.97 17.36 -23.43
C ASN B 180 7.18 16.87 -22.62
N ASN B 181 6.89 16.36 -21.40
CA ASN B 181 7.91 15.83 -20.50
C ASN B 181 8.79 14.75 -21.14
N MET B 182 8.18 13.85 -21.94
CA MET B 182 8.95 12.81 -22.58
C MET B 182 9.94 13.41 -23.60
N VAL B 183 9.49 14.42 -24.36
CA VAL B 183 10.38 15.12 -25.28
C VAL B 183 11.53 15.79 -24.53
N HIS B 184 11.21 16.36 -23.39
CA HIS B 184 12.24 17.00 -22.59
C HIS B 184 13.35 16.02 -22.18
N SER B 185 12.98 14.84 -21.70
CA SER B 185 14.01 13.86 -21.35
C SER B 185 14.73 13.27 -22.58
N TRP B 186 14.05 13.14 -23.75
CA TRP B 186 14.79 12.82 -24.98
C TRP B 186 15.90 13.85 -25.24
N LEU B 187 15.56 15.12 -25.00
CA LEU B 187 16.51 16.21 -25.22
C LEU B 187 17.64 16.17 -24.19
N GLU B 188 17.33 15.73 -22.96
CA GLU B 188 18.36 15.46 -21.98
C GLU B 188 19.34 14.41 -22.50
N LEU B 189 18.83 13.28 -23.03
CA LEU B 189 19.73 12.23 -23.47
C LEU B 189 20.58 12.72 -24.66
N ALA B 190 19.95 13.49 -25.55
CA ALA B 190 20.65 14.05 -26.72
C ALA B 190 21.76 15.04 -26.32
N SER B 191 21.75 15.50 -25.05
CA SER B 191 22.78 16.38 -24.51
C SER B 191 23.98 15.61 -23.99
N VAL B 192 23.92 14.26 -23.87
CA VAL B 192 25.02 13.45 -23.38
C VAL B 192 25.44 12.32 -24.32
N ILE B 193 24.60 11.97 -25.29
CA ILE B 193 24.91 10.95 -26.29
C ILE B 193 24.64 11.54 -27.66
N PRO B 194 25.57 11.40 -28.63
CA PRO B 194 25.40 11.97 -29.97
C PRO B 194 24.49 11.13 -30.86
N PHE B 195 23.29 11.64 -31.14
CA PHE B 195 22.39 11.02 -32.09
C PHE B 195 21.54 12.12 -32.75
N HIS B 196 20.54 11.69 -33.53
CA HIS B 196 19.65 12.58 -34.25
C HIS B 196 18.26 12.43 -33.64
N PHE B 197 17.77 13.50 -33.03
CA PHE B 197 16.47 13.53 -32.37
C PHE B 197 15.57 14.55 -33.09
N VAL B 198 14.36 14.09 -33.47
CA VAL B 198 13.35 14.92 -34.08
C VAL B 198 12.08 14.83 -33.23
N CYS B 199 11.51 16.00 -32.94
CA CYS B 199 10.18 16.09 -32.34
C CYS B 199 9.22 16.61 -33.42
N ALA B 200 8.29 15.76 -33.84
CA ALA B 200 7.25 16.10 -34.82
C ALA B 200 5.96 16.33 -34.07
N CYS B 201 5.64 17.61 -33.91
CA CYS B 201 4.57 18.07 -33.03
C CYS B 201 3.62 19.02 -33.76
N PRO B 202 2.33 19.11 -33.39
CA PRO B 202 1.45 20.12 -33.98
C PRO B 202 1.99 21.52 -33.70
N LYS B 203 1.75 22.43 -34.65
CA LYS B 203 2.17 23.81 -34.48
C LYS B 203 1.51 24.35 -33.21
N GLY B 204 2.30 24.99 -32.34
CA GLY B 204 1.80 25.50 -31.09
C GLY B 204 2.09 24.58 -29.90
N TYR B 205 2.49 23.32 -30.17
CA TYR B 205 2.70 22.33 -29.12
C TYR B 205 4.17 21.90 -29.05
N GLU B 206 5.05 22.86 -29.30
CA GLU B 206 6.49 22.65 -29.30
C GLU B 206 6.96 22.46 -27.87
N PRO B 207 8.05 21.70 -27.67
CA PRO B 207 8.67 21.56 -26.36
C PRO B 207 9.26 22.91 -25.94
N ASP B 208 9.59 23.01 -24.66
CA ASP B 208 10.12 24.25 -24.11
CA ASP B 208 10.15 24.22 -24.07
C ASP B 208 11.37 24.71 -24.85
N LYS B 209 11.39 25.99 -25.25
CA LYS B 209 12.50 26.52 -26.02
C LYS B 209 13.82 26.36 -25.26
N GLU B 210 13.81 26.63 -23.95
CA GLU B 210 15.07 26.58 -23.21
C GLU B 210 15.62 25.16 -23.18
N ARG B 211 14.73 24.13 -23.12
CA ARG B 211 15.18 22.74 -23.08
C ARG B 211 15.80 22.33 -24.43
N VAL B 212 15.22 22.79 -25.54
CA VAL B 212 15.79 22.55 -26.87
C VAL B 212 17.16 23.23 -26.99
N SER B 213 17.24 24.49 -26.55
CA SER B 213 18.50 25.21 -26.60
C SER B 213 19.60 24.55 -25.77
N LYS B 214 19.28 24.11 -24.54
CA LYS B 214 20.26 23.47 -23.70
C LYS B 214 20.84 22.24 -24.39
N ALA B 215 20.00 21.47 -25.09
CA ALA B 215 20.48 20.30 -25.82
C ALA B 215 21.41 20.71 -26.96
N LYS B 216 21.04 21.76 -27.68
CA LYS B 216 21.88 22.25 -28.77
C LYS B 216 23.24 22.75 -28.26
N GLN B 217 23.24 23.39 -27.08
CA GLN B 217 24.45 23.90 -26.46
C GLN B 217 25.48 22.80 -26.23
N ALA B 218 25.03 21.58 -25.91
CA ALA B 218 25.96 20.50 -25.63
C ALA B 218 26.74 20.11 -26.89
N GLY B 219 26.17 20.38 -28.07
CA GLY B 219 26.88 20.23 -29.34
C GLY B 219 27.14 18.79 -29.79
N LEU B 220 26.40 17.80 -29.25
CA LEU B 220 26.57 16.39 -29.61
C LEU B 220 25.60 15.95 -30.69
N SER B 221 24.34 16.42 -30.62
CA SER B 221 23.26 15.79 -31.37
C SER B 221 22.69 16.78 -32.40
N LYS B 222 22.12 16.21 -33.46
CA LYS B 222 21.30 16.93 -34.41
C LYS B 222 19.87 16.94 -33.86
N ILE B 223 19.32 18.14 -33.62
CA ILE B 223 18.05 18.34 -32.93
C ILE B 223 17.13 19.12 -33.88
N GLU B 224 15.96 18.58 -34.19
CA GLU B 224 14.99 19.21 -35.07
C GLU B 224 13.59 19.18 -34.45
N ILE B 225 12.89 20.31 -34.57
CA ILE B 225 11.48 20.45 -34.26
C ILE B 225 10.75 20.71 -35.57
N THR B 226 9.73 19.89 -35.85
CA THR B 226 8.98 19.98 -37.09
C THR B 226 7.48 19.76 -36.85
N ASN B 227 6.65 20.16 -37.81
CA ASN B 227 5.22 19.90 -37.71
C ASN B 227 4.76 18.91 -38.78
N ASP B 228 5.72 18.16 -39.39
CA ASP B 228 5.42 17.29 -40.50
C ASP B 228 5.87 15.85 -40.21
N PRO B 229 5.03 15.05 -39.53
CA PRO B 229 5.43 13.70 -39.15
C PRO B 229 5.77 12.74 -40.29
N LYS B 230 5.06 12.87 -41.42
CA LYS B 230 5.27 11.98 -42.53
C LYS B 230 6.67 12.15 -43.11
N GLU B 231 7.21 13.38 -43.12
CA GLU B 231 8.58 13.60 -43.54
C GLU B 231 9.57 13.21 -42.43
N ALA B 232 9.24 13.54 -41.17
CA ALA B 232 10.14 13.34 -40.04
C ALA B 232 10.58 11.89 -39.89
N VAL B 233 9.65 10.94 -40.07
CA VAL B 233 9.92 9.57 -39.69
C VAL B 233 10.85 8.85 -40.67
N ILE B 234 11.06 9.41 -41.88
CA ILE B 234 11.82 8.72 -42.92
C ILE B 234 13.22 8.37 -42.40
N GLY B 235 13.54 7.06 -42.38
CA GLY B 235 14.84 6.54 -41.98
C GLY B 235 15.05 6.41 -40.47
N ALA B 236 13.98 6.56 -39.70
CA ALA B 236 14.07 6.42 -38.24
C ALA B 236 14.55 5.02 -37.84
N ASP B 237 15.31 4.98 -36.72
CA ASP B 237 15.51 3.77 -35.94
C ASP B 237 14.39 3.55 -34.95
N VAL B 238 13.83 4.66 -34.42
CA VAL B 238 12.74 4.65 -33.45
C VAL B 238 11.69 5.66 -33.84
N VAL B 239 10.41 5.23 -33.79
CA VAL B 239 9.25 6.08 -33.86
C VAL B 239 8.58 5.95 -32.49
N TYR B 240 8.44 7.08 -31.79
CA TYR B 240 8.01 7.08 -30.40
C TYR B 240 6.68 7.82 -30.22
N SER B 241 5.77 7.23 -29.44
CA SER B 241 4.49 7.85 -29.13
C SER B 241 4.27 7.81 -27.59
N ASP B 242 3.13 8.34 -27.11
CA ASP B 242 2.93 8.62 -25.70
C ASP B 242 1.46 8.82 -25.40
N VAL B 243 1.13 8.86 -24.10
CA VAL B 243 -0.21 9.20 -23.61
C VAL B 243 -0.60 10.54 -24.23
N TRP B 244 -1.83 10.61 -24.72
CA TRP B 244 -2.38 11.89 -25.17
C TRP B 244 -3.27 12.48 -24.09
N ALA B 245 -3.20 13.82 -23.93
CA ALA B 245 -3.86 14.53 -22.84
C ALA B 245 -5.36 14.66 -23.08
N SER B 246 -6.10 14.61 -21.95
CA SER B 246 -7.56 14.88 -21.93
C SER B 246 -7.67 16.37 -21.55
N MET B 247 -8.76 17.05 -21.90
CA MET B 247 -8.79 18.53 -21.70
C MET B 247 -9.92 18.98 -20.75
N GLY B 248 -9.66 20.03 -19.97
CA GLY B 248 -10.63 20.48 -18.95
C GLY B 248 -11.69 21.41 -19.51
N GLN B 249 -11.39 22.04 -20.65
CA GLN B 249 -12.41 22.87 -21.28
C GLN B 249 -12.80 22.23 -22.62
N LYS B 250 -14.11 22.07 -22.84
CA LYS B 250 -14.61 21.12 -23.82
C LYS B 250 -14.38 21.60 -25.26
N ASP B 251 -14.40 22.91 -25.49
CA ASP B 251 -14.02 23.44 -26.79
C ASP B 251 -12.51 23.35 -26.98
N GLU B 252 -11.74 23.52 -25.88
CA GLU B 252 -10.29 23.37 -25.90
C GLU B 252 -9.91 21.91 -26.20
N ALA B 253 -10.72 20.94 -25.73
CA ALA B 253 -10.50 19.53 -26.05
C ALA B 253 -10.71 19.28 -27.54
N GLU B 254 -11.77 19.89 -28.12
CA GLU B 254 -12.08 19.74 -29.55
C GLU B 254 -10.99 20.39 -30.40
N ALA B 255 -10.49 21.55 -29.96
CA ALA B 255 -9.42 22.23 -30.67
C ALA B 255 -8.15 21.38 -30.64
N ARG B 256 -7.88 20.73 -29.50
CA ARG B 256 -6.70 19.91 -29.39
C ARG B 256 -6.84 18.69 -30.31
N ARG B 257 -8.04 18.11 -30.33
CA ARG B 257 -8.32 16.99 -31.22
C ARG B 257 -8.00 17.39 -32.66
N LYS B 258 -8.47 18.56 -33.08
CA LYS B 258 -8.24 19.01 -34.45
C LYS B 258 -6.75 19.20 -34.71
N ALA B 259 -6.02 19.78 -33.76
CA ALA B 259 -4.61 20.06 -33.93
C ALA B 259 -3.79 18.78 -34.12
N PHE B 260 -4.22 17.68 -33.45
CA PHE B 260 -3.46 16.44 -33.45
C PHE B 260 -3.88 15.52 -34.60
N GLN B 261 -4.78 15.98 -35.50
CA GLN B 261 -5.11 15.17 -36.68
C GLN B 261 -3.84 15.05 -37.51
N GLY B 262 -3.48 13.83 -37.94
CA GLY B 262 -2.25 13.61 -38.67
C GLY B 262 -1.08 13.17 -37.79
N PHE B 263 -1.25 13.11 -36.45
CA PHE B 263 -0.18 12.76 -35.54
C PHE B 263 -0.36 11.38 -34.91
N GLN B 264 -1.39 10.64 -35.33
CA GLN B 264 -1.52 9.25 -34.93
C GLN B 264 -0.43 8.41 -35.61
N VAL B 265 0.20 7.52 -34.82
CA VAL B 265 1.11 6.55 -35.40
C VAL B 265 0.28 5.35 -35.84
N ASP B 266 0.12 5.21 -37.16
CA ASP B 266 -0.58 4.11 -37.78
C ASP B 266 0.38 3.28 -38.63
N GLU B 267 -0.16 2.22 -39.24
CA GLU B 267 0.70 1.32 -40.03
C GLU B 267 1.30 2.08 -41.24
N ALA B 268 0.53 2.99 -41.80
CA ALA B 268 1.01 3.77 -42.94
C ALA B 268 2.24 4.62 -42.55
N LEU B 269 2.21 5.20 -41.34
CA LEU B 269 3.33 6.04 -40.90
C LEU B 269 4.58 5.18 -40.66
N MET B 270 4.39 4.00 -40.07
CA MET B 270 5.49 3.07 -39.83
C MET B 270 6.08 2.60 -41.16
N LYS B 271 5.24 2.42 -42.19
CA LYS B 271 5.75 2.06 -43.52
C LYS B 271 6.65 3.17 -44.08
N LEU B 272 6.21 4.43 -43.96
CA LEU B 272 7.00 5.58 -44.37
C LEU B 272 8.32 5.67 -43.59
N ALA B 273 8.31 5.25 -42.33
CA ALA B 273 9.52 5.30 -41.52
C ALA B 273 10.58 4.35 -42.06
N GLY B 274 10.18 3.15 -42.47
CA GLY B 274 11.06 2.21 -43.15
C GLY B 274 11.39 0.96 -42.34
N GLN B 275 12.17 0.08 -42.94
CA GLN B 275 12.41 -1.29 -42.38
C GLN B 275 13.26 -1.34 -41.11
N LYS B 276 14.02 -0.30 -40.84
CA LYS B 276 14.86 -0.28 -39.64
C LYS B 276 14.10 0.20 -38.41
N ALA B 277 12.88 0.72 -38.60
CA ALA B 277 12.22 1.46 -37.53
C ALA B 277 11.53 0.52 -36.52
N TYR B 278 11.90 0.71 -35.25
CA TYR B 278 11.19 0.12 -34.13
C TYR B 278 10.12 1.12 -33.66
N PHE B 279 9.04 0.59 -33.09
CA PHE B 279 8.01 1.41 -32.44
C PHE B 279 8.18 1.30 -30.94
N MET B 280 8.18 2.48 -30.28
CA MET B 280 8.26 2.59 -28.83
C MET B 280 7.17 3.53 -28.34
N HIS B 281 6.70 3.27 -27.10
CA HIS B 281 5.62 4.01 -26.47
C HIS B 281 5.78 3.78 -24.98
N CYS B 282 5.89 4.87 -24.21
CA CYS B 282 6.14 4.73 -22.77
C CYS B 282 5.00 4.07 -22.02
N LEU B 283 3.79 4.10 -22.61
CA LEU B 283 2.57 3.49 -22.07
C LEU B 283 2.03 4.27 -20.88
N PRO B 284 0.75 4.14 -20.48
CA PRO B 284 -0.28 3.34 -21.18
C PRO B 284 -0.60 3.85 -22.58
N ALA B 285 -1.02 2.91 -23.44
CA ALA B 285 -1.49 3.21 -24.78
C ALA B 285 -3.01 3.26 -24.84
N GLU B 286 -3.48 4.16 -25.68
CA GLU B 286 -4.93 4.27 -25.99
C GLU B 286 -5.09 3.99 -27.49
N ARG B 287 -5.33 2.74 -27.83
CA ARG B 287 -5.55 2.37 -29.23
C ARG B 287 -6.70 3.17 -29.81
N GLY B 288 -6.45 3.71 -31.01
CA GLY B 288 -7.43 4.52 -31.73
C GLY B 288 -7.26 6.01 -31.46
N VAL B 289 -6.36 6.36 -30.53
CA VAL B 289 -6.07 7.75 -30.25
C VAL B 289 -4.67 8.06 -30.81
N GLU B 290 -3.59 7.90 -30.03
CA GLU B 290 -2.25 8.26 -30.50
C GLU B 290 -1.65 7.21 -31.42
N VAL B 291 -2.20 5.99 -31.38
CA VAL B 291 -1.58 4.82 -32.03
C VAL B 291 -2.71 3.85 -32.34
N THR B 292 -2.51 3.04 -33.40
CA THR B 292 -3.44 1.98 -33.73
C THR B 292 -3.00 0.66 -33.09
N ASN B 293 -3.98 -0.24 -32.92
CA ASN B 293 -3.73 -1.57 -32.42
C ASN B 293 -2.65 -2.27 -33.24
N GLY B 294 -2.78 -2.15 -34.56
CA GLY B 294 -1.87 -2.84 -35.47
C GLY B 294 -0.40 -2.46 -35.28
N VAL B 295 -0.16 -1.20 -34.92
CA VAL B 295 1.19 -0.75 -34.62
C VAL B 295 1.68 -1.29 -33.26
N VAL B 296 0.83 -1.18 -32.20
CA VAL B 296 1.27 -1.64 -30.87
C VAL B 296 1.64 -3.13 -30.91
N GLU B 297 0.87 -3.92 -31.69
CA GLU B 297 1.00 -5.39 -31.72
C GLU B 297 1.97 -5.89 -32.80
N ALA B 298 2.53 -4.97 -33.59
CA ALA B 298 3.33 -5.36 -34.75
C ALA B 298 4.66 -5.98 -34.34
N PRO B 299 5.36 -6.71 -35.23
CA PRO B 299 6.65 -7.29 -34.91
C PRO B 299 7.73 -6.26 -34.56
N TYR B 300 7.62 -5.07 -35.15
CA TYR B 300 8.58 -3.99 -34.87
C TYR B 300 8.29 -3.22 -33.58
N SER B 301 7.16 -3.53 -32.90
CA SER B 301 6.84 -2.89 -31.61
C SER B 301 7.58 -3.57 -30.45
N ILE B 302 8.34 -2.76 -29.66
CA ILE B 302 9.08 -3.28 -28.53
C ILE B 302 8.60 -2.64 -27.21
N VAL B 303 7.31 -2.31 -27.13
CA VAL B 303 6.77 -1.64 -25.95
C VAL B 303 6.87 -2.50 -24.70
N PHE B 304 6.77 -3.83 -24.77
CA PHE B 304 6.80 -4.64 -23.55
C PHE B 304 8.23 -4.84 -23.04
N PRO B 305 9.24 -5.14 -23.90
CA PRO B 305 10.64 -5.11 -23.44
C PRO B 305 11.01 -3.72 -22.88
N GLN B 306 10.49 -2.69 -23.52
CA GLN B 306 10.72 -1.32 -23.10
C GLN B 306 10.23 -1.10 -21.67
N ALA B 307 9.00 -1.52 -21.39
CA ALA B 307 8.43 -1.35 -20.05
C ALA B 307 9.27 -2.11 -19.02
N GLU B 308 9.70 -3.34 -19.35
CA GLU B 308 10.48 -4.13 -18.42
C GLU B 308 11.74 -3.38 -17.99
N ASN B 309 12.38 -2.72 -18.98
CA ASN B 309 13.65 -2.06 -18.73
C ASN B 309 13.54 -0.83 -17.81
N ARG B 310 12.32 -0.48 -17.41
CA ARG B 310 12.22 0.57 -16.36
C ARG B 310 12.89 0.01 -15.10
N MET B 311 12.65 -1.26 -14.78
CA MET B 311 13.19 -1.83 -13.56
C MET B 311 14.70 -1.89 -13.65
N HIS B 312 15.24 -2.39 -14.78
CA HIS B 312 16.67 -2.60 -14.89
C HIS B 312 17.44 -1.28 -14.93
N ALA B 313 16.96 -0.29 -15.67
CA ALA B 313 17.63 1.03 -15.66
C ALA B 313 17.57 1.70 -14.29
N GLN B 314 16.41 1.67 -13.65
CA GLN B 314 16.25 2.30 -12.34
C GLN B 314 17.10 1.61 -11.29
N ASN B 315 17.23 0.27 -11.35
CA ASN B 315 18.09 -0.43 -10.41
C ASN B 315 19.52 0.14 -10.49
N ALA B 316 20.04 0.31 -11.72
CA ALA B 316 21.38 0.84 -11.91
C ALA B 316 21.47 2.29 -11.40
N ILE B 317 20.44 3.10 -11.67
CA ILE B 317 20.41 4.47 -11.17
C ILE B 317 20.52 4.48 -9.64
N MET B 318 19.69 3.73 -8.96
CA MET B 318 19.68 3.68 -7.51
C MET B 318 21.02 3.17 -6.96
N LEU B 319 21.60 2.15 -7.59
CA LEU B 319 22.91 1.65 -7.20
C LEU B 319 23.93 2.80 -7.26
N HIS B 320 23.93 3.54 -8.36
CA HIS B 320 24.87 4.65 -8.50
C HIS B 320 24.67 5.71 -7.42
N LEU B 321 23.43 6.10 -7.14
CA LEU B 321 23.14 7.14 -6.16
C LEU B 321 23.57 6.70 -4.75
N LEU B 322 23.50 5.39 -4.47
CA LEU B 322 23.78 4.88 -3.14
C LEU B 322 25.22 4.41 -2.99
N GLY B 323 26.07 4.72 -3.99
CA GLY B 323 27.51 4.52 -3.89
C GLY B 323 28.08 3.19 -4.38
N PHE B 324 27.27 2.42 -5.11
CA PHE B 324 27.64 1.14 -5.67
C PHE B 324 28.03 1.26 -7.16
N LEU C 21 0.90 -6.74 30.71
CA LEU C 21 -0.16 -6.22 29.81
C LEU C 21 0.14 -6.50 28.33
N LYS C 22 -0.93 -6.79 27.60
CA LYS C 22 -0.79 -7.29 26.25
C LYS C 22 -0.50 -6.11 25.32
N ASP C 23 -1.14 -4.96 25.56
CA ASP C 23 -1.31 -3.90 24.53
C ASP C 23 -0.60 -2.59 24.94
N PHE C 24 -0.38 -1.67 24.00
CA PHE C 24 0.16 -0.33 24.31
C PHE C 24 -0.85 0.71 23.85
N LEU C 25 -1.82 1.00 24.73
CA LEU C 25 -2.94 1.86 24.42
C LEU C 25 -2.82 3.25 25.06
N ALA C 26 -2.07 3.34 26.17
CA ALA C 26 -1.94 4.57 26.96
C ALA C 26 -0.67 4.41 27.78
N ILE C 27 0.15 5.48 27.91
CA ILE C 27 1.42 5.30 28.60
C ILE C 27 1.26 4.81 30.04
N ASP C 28 0.29 5.38 30.76
CA ASP C 28 0.14 5.07 32.18
C ASP C 28 -0.71 3.83 32.45
N ASP C 29 -0.89 2.98 31.41
CA ASP C 29 -1.25 1.58 31.65
C ASP C 29 -0.07 0.80 32.23
N PHE C 30 1.15 1.35 32.11
CA PHE C 30 2.38 0.72 32.56
C PHE C 30 2.91 1.51 33.75
N ASP C 31 3.77 0.88 34.54
CA ASP C 31 4.40 1.55 35.67
C ASP C 31 5.65 2.31 35.25
N THR C 32 6.12 3.13 36.18
CA THR C 32 7.31 3.95 35.97
C THR C 32 8.51 3.13 35.47
N ALA C 33 8.83 2.04 36.18
CA ALA C 33 10.01 1.25 35.86
C ALA C 33 9.93 0.68 34.44
N THR C 34 8.73 0.24 34.05
CA THR C 34 8.55 -0.35 32.72
C THR C 34 8.72 0.71 31.62
N ILE C 35 8.12 1.88 31.82
CA ILE C 35 8.27 2.98 30.86
C ILE C 35 9.74 3.39 30.71
N LYS C 36 10.44 3.49 31.86
CA LYS C 36 11.84 3.86 31.80
C LYS C 36 12.67 2.78 31.09
N THR C 37 12.36 1.51 31.30
CA THR C 37 13.05 0.43 30.63
C THR C 37 12.84 0.49 29.11
N ILE C 38 11.61 0.74 28.67
CA ILE C 38 11.33 0.89 27.25
C ILE C 38 12.13 2.05 26.66
N LEU C 39 12.22 3.17 27.40
CA LEU C 39 12.95 4.33 26.87
C LEU C 39 14.45 4.02 26.79
N ASP C 40 14.99 3.27 27.78
CA ASP C 40 16.39 2.83 27.74
C ASP C 40 16.63 1.95 26.51
N LYS C 41 15.73 0.97 26.30
CA LYS C 41 15.88 0.09 25.15
C LYS C 41 15.80 0.89 23.84
N ALA C 42 14.93 1.91 23.81
CA ALA C 42 14.84 2.78 22.63
C ALA C 42 16.20 3.38 22.26
N SER C 43 16.94 3.90 23.25
CA SER C 43 18.27 4.43 23.01
C SER C 43 19.24 3.36 22.50
N GLU C 44 19.19 2.15 23.09
CA GLU C 44 20.10 1.08 22.75
CA GLU C 44 20.10 1.06 22.76
C GLU C 44 19.92 0.65 21.28
N VAL C 45 18.66 0.42 20.88
CA VAL C 45 18.42 -0.07 19.52
C VAL C 45 18.66 1.04 18.48
N LYS C 46 18.34 2.29 18.85
CA LYS C 46 18.65 3.44 18.02
C LYS C 46 20.17 3.50 17.73
N ALA C 47 20.99 3.31 18.77
CA ALA C 47 22.44 3.38 18.61
C ALA C 47 22.92 2.26 17.68
N LEU C 48 22.29 1.08 17.81
CA LEU C 48 22.66 -0.04 16.94
C LEU C 48 22.37 0.34 15.48
N LEU C 49 21.17 0.85 15.22
CA LEU C 49 20.87 1.24 13.85
C LEU C 49 21.76 2.36 13.33
N LYS C 50 22.07 3.32 14.20
CA LYS C 50 22.90 4.48 13.78
C LYS C 50 24.34 4.04 13.44
N SER C 51 24.79 2.93 14.01
CA SER C 51 26.10 2.39 13.73
C SER C 51 26.20 1.88 12.30
N GLY C 52 25.05 1.70 11.65
CA GLY C 52 25.00 1.25 10.24
C GLY C 52 24.76 -0.24 10.13
N GLU C 53 24.71 -0.86 11.29
CA GLU C 53 24.61 -2.33 11.27
C GLU C 53 23.15 -2.75 11.07
N ARG C 54 22.93 -3.88 10.43
CA ARG C 54 21.64 -4.34 9.98
C ARG C 54 21.48 -5.83 10.24
N ASN C 55 22.26 -6.37 11.17
CA ASN C 55 22.15 -7.81 11.54
CA ASN C 55 22.01 -7.81 11.46
C ASN C 55 21.43 -8.16 12.87
N TYR C 56 20.65 -7.19 13.34
CA TYR C 56 19.79 -7.46 14.51
C TYR C 56 18.34 -7.49 14.02
N LEU C 57 17.80 -8.72 13.85
CA LEU C 57 16.53 -8.94 13.18
C LEU C 57 15.57 -9.74 14.04
N PRO C 58 15.19 -9.23 15.22
CA PRO C 58 14.38 -10.01 16.16
C PRO C 58 13.00 -10.35 15.63
N PHE C 59 12.50 -9.54 14.69
CA PHE C 59 11.15 -9.71 14.11
C PHE C 59 11.16 -10.57 12.84
N LYS C 60 12.27 -11.25 12.54
CA LYS C 60 12.29 -12.15 11.39
C LYS C 60 11.06 -13.09 11.47
N GLY C 61 10.34 -13.24 10.35
CA GLY C 61 9.19 -14.15 10.33
C GLY C 61 7.94 -13.64 11.03
N LYS C 62 7.94 -12.35 11.43
CA LYS C 62 6.76 -11.75 12.06
C LYS C 62 6.12 -10.71 11.14
N SER C 63 4.80 -10.56 11.28
CA SER C 63 4.02 -9.62 10.52
C SER C 63 3.19 -8.72 11.43
N MET C 64 2.93 -7.50 10.93
CA MET C 64 2.10 -6.49 11.61
C MET C 64 1.08 -5.95 10.61
N SER C 65 -0.23 -5.99 10.95
CA SER C 65 -1.21 -5.23 10.18
C SER C 65 -1.36 -3.86 10.81
N MET C 66 -1.29 -2.82 9.96
CA MET C 66 -1.46 -1.43 10.36
C MET C 66 -2.78 -0.91 9.81
N ILE C 67 -3.75 -0.71 10.69
CA ILE C 67 -5.05 -0.20 10.34
C ILE C 67 -5.04 1.32 10.47
N PHE C 68 -5.29 2.01 9.35
CA PHE C 68 -5.36 3.48 9.35
C PHE C 68 -6.75 3.98 8.96
N ALA C 69 -7.46 4.69 9.86
CA ALA C 69 -8.76 5.28 9.54
C ALA C 69 -8.62 6.64 8.84
N LYS C 70 -7.40 7.12 8.85
CA LYS C 70 -7.11 8.34 8.07
C LYS C 70 -5.64 8.28 7.64
N PRO C 71 -5.30 8.86 6.49
CA PRO C 71 -3.91 8.94 6.05
C PRO C 71 -2.88 9.48 7.04
N SER C 72 -1.61 9.09 6.85
CA SER C 72 -0.50 9.46 7.76
C SER C 72 0.85 9.40 7.04
N MET C 73 1.77 10.26 7.44
CA MET C 73 3.16 10.15 7.01
C MET C 73 4.04 9.62 8.13
N ARG C 74 4.10 10.35 9.25
CA ARG C 74 5.03 9.95 10.34
C ARG C 74 4.69 8.57 10.90
N THR C 75 3.44 8.37 11.31
CA THR C 75 3.09 7.09 11.95
C THR C 75 3.31 5.94 10.97
N ARG C 76 2.78 6.12 9.76
CA ARG C 76 2.92 5.09 8.73
C ARG C 76 4.39 4.74 8.43
N VAL C 77 5.20 5.75 8.11
CA VAL C 77 6.55 5.48 7.65
C VAL C 77 7.40 4.96 8.81
N SER C 78 7.22 5.56 10.01
CA SER C 78 8.02 5.11 11.14
C SER C 78 7.73 3.65 11.50
N PHE C 79 6.44 3.26 11.58
CA PHE C 79 6.10 1.87 11.89
C PHE C 79 6.55 0.90 10.80
N GLU C 80 6.28 1.24 9.53
CA GLU C 80 6.59 0.30 8.45
C GLU C 80 8.10 0.16 8.31
N THR C 81 8.85 1.29 8.35
CA THR C 81 10.29 1.23 8.21
C THR C 81 10.96 0.55 9.42
N GLY C 82 10.48 0.89 10.63
CA GLY C 82 11.07 0.29 11.81
C GLY C 82 10.91 -1.23 11.87
N PHE C 83 9.68 -1.66 11.55
CA PHE C 83 9.36 -3.08 11.55
C PHE C 83 10.24 -3.82 10.54
N PHE C 84 10.43 -3.23 9.35
CA PHE C 84 11.34 -3.77 8.33
C PHE C 84 12.78 -3.84 8.83
N LEU C 85 13.27 -2.78 9.48
CA LEU C 85 14.65 -2.75 9.93
C LEU C 85 14.94 -3.81 11.02
N LEU C 86 13.89 -4.23 11.74
CA LEU C 86 14.02 -5.28 12.74
C LEU C 86 13.63 -6.67 12.21
N GLY C 87 13.33 -6.77 10.91
CA GLY C 87 13.24 -8.08 10.26
C GLY C 87 11.86 -8.52 9.82
N GLY C 88 10.80 -7.79 10.17
CA GLY C 88 9.43 -8.20 9.92
C GLY C 88 8.83 -7.52 8.68
N HIS C 89 7.53 -7.80 8.46
CA HIS C 89 6.76 -7.18 7.39
C HIS C 89 5.48 -6.54 7.94
N ALA C 90 5.35 -5.22 7.71
CA ALA C 90 4.15 -4.48 8.07
C ALA C 90 3.28 -4.29 6.82
N LEU C 91 1.98 -4.54 6.99
CA LEU C 91 0.96 -4.35 5.96
C LEU C 91 0.23 -3.03 6.23
N TYR C 92 0.06 -2.24 5.17
CA TYR C 92 -0.68 -0.97 5.25
C TYR C 92 -2.14 -1.18 4.82
N LEU C 93 -3.06 -1.14 5.78
CA LEU C 93 -4.50 -1.24 5.49
C LEU C 93 -5.11 0.16 5.65
N GLY C 94 -5.23 0.83 4.49
CA GLY C 94 -5.72 2.18 4.46
C GLY C 94 -7.24 2.23 4.66
N PRO C 95 -7.76 3.44 4.76
CA PRO C 95 -9.17 3.65 5.13
C PRO C 95 -10.20 2.88 4.28
N ASN C 96 -9.99 2.89 2.98
CA ASN C 96 -10.92 2.26 2.06
C ASN C 96 -10.61 0.78 1.82
N ASP C 97 -9.48 0.29 2.34
CA ASP C 97 -9.09 -1.10 2.13
C ASP C 97 -9.99 -2.08 2.86
N ILE C 98 -10.20 -1.86 4.14
CA ILE C 98 -10.99 -2.81 4.92
C ILE C 98 -12.27 -2.16 5.49
N GLN C 99 -12.34 -0.82 5.50
CA GLN C 99 -13.60 -0.14 5.83
C GLN C 99 -14.11 -0.61 7.19
N MET C 100 -13.25 -0.53 8.21
CA MET C 100 -13.62 -1.04 9.53
C MET C 100 -14.77 -0.16 10.01
N GLY C 101 -15.81 -0.72 10.62
CA GLY C 101 -16.96 0.07 11.01
C GLY C 101 -17.97 0.34 9.90
N LYS C 102 -17.74 -0.07 8.64
CA LYS C 102 -18.73 0.16 7.61
C LYS C 102 -18.98 -1.17 6.97
N ARG C 103 -17.90 -1.74 6.49
CA ARG C 103 -17.99 -3.05 5.87
C ARG C 103 -18.02 -4.17 6.92
N GLU C 104 -17.36 -3.90 8.08
CA GLU C 104 -17.12 -4.95 9.04
C GLU C 104 -16.91 -4.41 10.47
N GLU C 105 -17.46 -5.12 11.46
CA GLU C 105 -17.33 -4.75 12.85
C GLU C 105 -15.90 -4.97 13.37
N THR C 106 -15.47 -4.06 14.28
CA THR C 106 -14.16 -4.13 14.93
C THR C 106 -13.86 -5.53 15.48
N ARG C 107 -14.82 -6.12 16.19
CA ARG C 107 -14.58 -7.42 16.83
C ARG C 107 -14.23 -8.51 15.82
N ASP C 108 -14.79 -8.41 14.62
CA ASP C 108 -14.51 -9.38 13.56
C ASP C 108 -13.16 -9.11 12.91
N VAL C 109 -12.83 -7.83 12.67
CA VAL C 109 -11.50 -7.47 12.20
C VAL C 109 -10.42 -8.00 13.16
N ALA C 110 -10.61 -7.75 14.49
CA ALA C 110 -9.64 -8.18 15.48
C ALA C 110 -9.42 -9.69 15.42
N ARG C 111 -10.52 -10.48 15.33
CA ARG C 111 -10.39 -11.92 15.40
C ARG C 111 -9.81 -12.51 14.12
N VAL C 112 -10.00 -11.85 12.98
CA VAL C 112 -9.39 -12.30 11.74
C VAL C 112 -7.90 -11.97 11.69
N LEU C 113 -7.57 -10.68 11.95
CA LEU C 113 -6.16 -10.31 11.85
C LEU C 113 -5.27 -11.02 12.86
N SER C 114 -5.83 -11.33 14.03
CA SER C 114 -5.11 -12.08 15.07
C SER C 114 -4.71 -13.48 14.61
N ARG C 115 -5.40 -14.03 13.61
CA ARG C 115 -5.06 -15.35 13.09
C ARG C 115 -4.01 -15.29 11.96
N TYR C 116 -3.79 -14.12 11.36
CA TYR C 116 -2.79 -13.96 10.29
C TYR C 116 -1.48 -13.38 10.80
N ASN C 117 -1.56 -12.38 11.71
CA ASN C 117 -0.44 -11.53 12.06
C ASN C 117 -0.06 -11.66 13.54
N ASP C 118 1.12 -11.08 13.88
CA ASP C 118 1.68 -11.21 15.23
C ASP C 118 1.40 -10.00 16.12
N ILE C 119 0.96 -8.89 15.51
CA ILE C 119 0.76 -7.60 16.19
C ILE C 119 -0.08 -6.75 15.23
N ILE C 120 -0.89 -5.85 15.86
CA ILE C 120 -1.76 -4.94 15.12
C ILE C 120 -1.49 -3.52 15.62
N MET C 121 -1.26 -2.62 14.67
CA MET C 121 -1.22 -1.18 14.96
C MET C 121 -2.53 -0.58 14.47
N ALA C 122 -3.16 0.30 15.21
CA ALA C 122 -4.38 0.96 14.76
C ALA C 122 -4.41 2.46 15.09
N ARG C 123 -4.71 3.20 14.02
CA ARG C 123 -5.04 4.66 14.12
CA ARG C 123 -5.05 4.66 14.13
C ARG C 123 -6.57 4.84 13.77
N VAL C 124 -7.34 5.22 14.78
CA VAL C 124 -8.79 5.21 14.70
C VAL C 124 -9.34 6.56 15.12
N PHE C 125 -10.65 6.73 15.00
CA PHE C 125 -11.35 7.89 15.54
C PHE C 125 -11.75 7.61 17.00
N ALA C 126 -12.94 7.08 17.24
CA ALA C 126 -13.35 6.86 18.61
C ALA C 126 -12.36 5.96 19.35
N HIS C 127 -11.95 6.39 20.55
CA HIS C 127 -11.05 5.56 21.35
C HIS C 127 -11.66 4.19 21.63
N GLN C 128 -12.97 4.12 21.78
CA GLN C 128 -13.61 2.85 22.05
C GLN C 128 -13.33 1.83 20.94
N ASP C 129 -13.08 2.28 19.71
CA ASP C 129 -12.73 1.35 18.64
C ASP C 129 -11.38 0.68 18.91
N ILE C 130 -10.38 1.41 19.46
CA ILE C 130 -9.12 0.75 19.80
C ILE C 130 -9.25 -0.16 21.02
N LEU C 131 -10.12 0.20 22.00
CA LEU C 131 -10.34 -0.70 23.12
C LEU C 131 -11.00 -2.00 22.65
N ASP C 132 -11.95 -1.88 21.73
CA ASP C 132 -12.63 -3.05 21.18
C ASP C 132 -11.64 -3.92 20.43
N LEU C 133 -10.76 -3.31 19.62
CA LEU C 133 -9.75 -4.07 18.89
C LEU C 133 -8.84 -4.84 19.86
N ALA C 134 -8.37 -4.15 20.93
CA ALA C 134 -7.53 -4.82 21.92
C ALA C 134 -8.27 -5.97 22.61
N ASN C 135 -9.53 -5.73 23.00
CA ASN C 135 -10.31 -6.71 23.75
CA ASN C 135 -10.29 -6.71 23.76
C ASN C 135 -10.52 -7.99 22.95
N TYR C 136 -10.70 -7.83 21.63
CA TYR C 136 -11.02 -8.98 20.80
C TYR C 136 -9.81 -9.62 20.10
N SER C 137 -8.65 -8.99 20.15
CA SER C 137 -7.42 -9.50 19.55
CA SER C 137 -7.44 -9.50 19.54
C SER C 137 -6.63 -10.36 20.53
N SER C 138 -6.17 -11.52 20.06
CA SER C 138 -5.26 -12.36 20.83
C SER C 138 -3.80 -11.94 20.75
N VAL C 139 -3.50 -11.02 19.84
CA VAL C 139 -2.15 -10.50 19.67
C VAL C 139 -2.11 -9.07 20.21
N PRO C 140 -0.90 -8.56 20.49
CA PRO C 140 -0.82 -7.18 20.98
C PRO C 140 -1.36 -6.17 19.97
N VAL C 141 -1.95 -5.11 20.52
CA VAL C 141 -2.39 -3.95 19.79
C VAL C 141 -1.61 -2.72 20.26
N VAL C 142 -1.10 -1.95 19.28
CA VAL C 142 -0.40 -0.68 19.51
CA VAL C 142 -0.40 -0.70 19.58
C VAL C 142 -1.24 0.45 18.99
N ASN C 143 -1.44 1.48 19.81
CA ASN C 143 -2.20 2.65 19.46
C ASN C 143 -1.35 3.61 18.60
N GLY C 144 -1.83 3.89 17.39
CA GLY C 144 -1.19 4.80 16.46
C GLY C 144 -1.79 6.20 16.29
N LEU C 145 -2.67 6.55 17.25
CA LEU C 145 -3.42 7.80 17.41
CA LEU C 145 -3.42 7.79 17.44
C LEU C 145 -4.91 7.47 17.47
N THR C 146 -5.60 8.05 18.43
CA THR C 146 -7.05 8.09 18.45
C THR C 146 -7.56 9.49 18.71
N ASP C 147 -8.90 9.64 18.71
CA ASP C 147 -9.47 10.92 19.15
C ASP C 147 -9.07 11.28 20.58
N HIS C 148 -8.80 10.28 21.41
CA HIS C 148 -8.46 10.50 22.82
C HIS C 148 -6.97 10.76 23.06
N ASN C 149 -6.05 10.01 22.43
CA ASN C 149 -4.65 10.12 22.84
C ASN C 149 -3.68 9.75 21.71
N HIS C 150 -2.38 9.79 22.01
CA HIS C 150 -1.32 9.51 21.01
C HIS C 150 -0.07 9.08 21.78
N PRO C 151 -0.10 7.91 22.44
CA PRO C 151 0.97 7.54 23.34
C PRO C 151 2.35 7.32 22.72
N CYS C 152 2.39 6.84 21.48
CA CYS C 152 3.66 6.61 20.83
C CYS C 152 4.35 7.94 20.50
N GLN C 153 3.57 8.97 20.23
CA GLN C 153 4.17 10.29 19.97
C GLN C 153 4.85 10.79 21.23
N ILE C 154 4.14 10.72 22.36
CA ILE C 154 4.74 11.23 23.59
C ILE C 154 5.94 10.39 24.04
N MET C 155 5.91 9.05 23.84
CA MET C 155 7.07 8.24 24.12
C MET C 155 8.29 8.72 23.31
N ALA C 156 8.08 9.00 22.02
CA ALA C 156 9.14 9.60 21.18
C ALA C 156 9.61 10.94 21.75
N ASP C 157 8.66 11.77 22.19
CA ASP C 157 8.97 13.10 22.71
C ASP C 157 9.81 12.99 23.99
N ALA C 158 9.49 11.98 24.84
CA ALA C 158 10.26 11.71 26.04
C ALA C 158 11.71 11.35 25.69
N LEU C 159 11.90 10.44 24.70
CA LEU C 159 13.23 10.11 24.22
C LEU C 159 13.96 11.36 23.73
N THR C 160 13.29 12.21 22.97
CA THR C 160 13.90 13.42 22.44
C THR C 160 14.36 14.34 23.58
N MET C 161 13.52 14.46 24.60
CA MET C 161 13.89 15.25 25.77
C MET C 161 15.11 14.66 26.47
N ILE C 162 15.14 13.34 26.66
CA ILE C 162 16.27 12.69 27.31
C ILE C 162 17.57 13.01 26.54
N GLU C 163 17.50 13.00 25.22
CA GLU C 163 18.67 13.24 24.37
C GLU C 163 19.17 14.70 24.41
N HIS C 164 18.25 15.67 24.50
CA HIS C 164 18.55 17.10 24.41
C HIS C 164 18.74 17.74 25.79
N ILE C 165 17.86 17.42 26.75
CA ILE C 165 17.90 18.01 28.08
C ILE C 165 18.71 17.13 29.03
N GLY C 166 18.60 15.80 28.90
CA GLY C 166 19.27 14.87 29.79
C GLY C 166 18.32 13.87 30.45
N GLN C 167 17.09 14.34 30.69
CA GLN C 167 16.08 13.63 31.46
CA GLN C 167 16.07 13.59 31.38
C GLN C 167 14.75 14.34 31.30
N VAL C 168 13.66 13.58 31.54
CA VAL C 168 12.33 14.14 31.71
C VAL C 168 12.04 14.61 33.14
N GLU C 169 12.51 13.85 34.14
CA GLU C 169 12.28 14.20 35.54
C GLU C 169 12.68 15.65 35.83
N GLY C 170 11.78 16.38 36.47
CA GLY C 170 12.09 17.70 37.00
C GLY C 170 12.03 18.82 35.97
N THR C 171 11.66 18.51 34.72
CA THR C 171 11.57 19.51 33.69
C THR C 171 10.23 20.24 33.77
N LYS C 172 10.15 21.34 33.00
CA LYS C 172 8.91 22.09 32.83
C LYS C 172 8.52 22.05 31.36
N VAL C 173 7.38 21.41 31.09
CA VAL C 173 6.84 21.23 29.75
C VAL C 173 5.56 22.04 29.66
N VAL C 174 5.53 23.01 28.71
CA VAL C 174 4.37 23.86 28.55
C VAL C 174 3.79 23.66 27.15
N TYR C 175 2.59 23.07 27.11
CA TYR C 175 1.83 22.90 25.89
C TYR C 175 0.95 24.11 25.72
N VAL C 176 0.96 24.67 24.50
CA VAL C 176 0.16 25.83 24.17
C VAL C 176 -0.76 25.45 23.01
N GLY C 177 -2.08 25.56 23.24
CA GLY C 177 -3.05 25.25 22.19
C GLY C 177 -4.26 24.52 22.73
N ASP C 178 -4.82 23.64 21.89
CA ASP C 178 -6.04 22.93 22.16
C ASP C 178 -5.80 21.78 23.13
N GLY C 179 -6.67 21.64 24.14
CA GLY C 179 -6.63 20.54 25.09
C GLY C 179 -7.12 19.24 24.47
N ASN C 180 -6.22 18.55 23.76
CA ASN C 180 -6.55 17.52 22.79
C ASN C 180 -5.84 16.20 23.14
N ASN C 181 -5.86 15.27 22.15
CA ASN C 181 -5.21 13.99 22.24
C ASN C 181 -3.74 14.06 22.65
N MET C 182 -3.01 15.07 22.15
CA MET C 182 -1.63 15.24 22.54
C MET C 182 -1.49 15.59 24.03
N VAL C 183 -2.35 16.50 24.49
CA VAL C 183 -2.31 16.85 25.91
C VAL C 183 -2.64 15.62 26.77
N HIS C 184 -3.62 14.82 26.33
CA HIS C 184 -3.96 13.63 27.09
C HIS C 184 -2.75 12.68 27.28
N SER C 185 -1.96 12.44 26.22
CA SER C 185 -0.77 11.61 26.38
C SER C 185 0.36 12.30 27.18
N TRP C 186 0.46 13.65 27.09
CA TRP C 186 1.35 14.32 28.06
C TRP C 186 0.96 14.05 29.51
N LEU C 187 -0.36 14.07 29.75
CA LEU C 187 -0.89 13.75 31.06
C LEU C 187 -0.63 12.31 31.49
N GLU C 188 -0.69 11.37 30.53
CA GLU C 188 -0.27 10.01 30.78
C GLU C 188 1.19 9.96 31.24
N LEU C 189 2.11 10.63 30.52
CA LEU C 189 3.52 10.60 30.89
C LEU C 189 3.71 11.22 32.28
N ALA C 190 2.99 12.32 32.56
CA ALA C 190 3.11 12.99 33.86
C ALA C 190 2.59 12.09 35.00
N SER C 191 1.87 11.00 34.68
CA SER C 191 1.39 10.03 35.65
C SER C 191 2.43 8.97 36.01
N VAL C 192 3.53 8.86 35.24
CA VAL C 192 4.57 7.88 35.50
C VAL C 192 5.98 8.47 35.67
N ILE C 193 6.19 9.71 35.24
CA ILE C 193 7.46 10.37 35.47
C ILE C 193 7.15 11.70 36.16
N PRO C 194 7.92 12.09 37.21
CA PRO C 194 7.66 13.35 37.91
C PRO C 194 8.28 14.57 37.22
N PHE C 195 7.40 15.41 36.70
CA PHE C 195 7.80 16.68 36.11
C PHE C 195 6.69 17.71 36.33
N HIS C 196 6.84 18.88 35.68
CA HIS C 196 5.89 19.98 35.76
C HIS C 196 5.30 20.14 34.36
N PHE C 197 4.00 19.86 34.24
CA PHE C 197 3.27 19.96 32.99
C PHE C 197 2.19 21.02 33.07
N VAL C 198 2.24 21.96 32.11
CA VAL C 198 1.28 23.05 31.99
C VAL C 198 0.61 22.96 30.63
N CYS C 199 -0.72 23.04 30.61
CA CYS C 199 -1.50 23.19 29.40
C CYS C 199 -2.13 24.58 29.42
N ALA C 200 -1.65 25.43 28.51
CA ALA C 200 -2.19 26.78 28.28
C ALA C 200 -3.11 26.70 27.07
N CYS C 201 -4.41 26.76 27.36
CA CYS C 201 -5.48 26.59 26.40
C CYS C 201 -6.53 27.68 26.55
N PRO C 202 -7.27 28.01 25.48
CA PRO C 202 -8.39 28.93 25.63
C PRO C 202 -9.50 28.33 26.48
N LYS C 203 -10.28 29.19 27.15
CA LYS C 203 -11.45 28.74 27.89
C LYS C 203 -12.38 27.99 26.95
N GLY C 204 -12.85 26.84 27.40
CA GLY C 204 -13.75 25.98 26.65
C GLY C 204 -13.02 24.93 25.82
N TYR C 205 -11.67 24.92 25.86
CA TYR C 205 -10.85 24.00 25.08
C TYR C 205 -9.85 23.27 25.99
N GLU C 206 -10.33 23.00 27.23
CA GLU C 206 -9.52 22.28 28.20
C GLU C 206 -9.42 20.80 27.84
N PRO C 207 -8.35 20.11 28.29
CA PRO C 207 -8.29 18.66 28.17
C PRO C 207 -9.39 18.04 29.03
N ASP C 208 -9.66 16.75 28.76
CA ASP C 208 -10.72 16.09 29.51
CA ASP C 208 -10.65 15.97 29.49
C ASP C 208 -10.43 16.08 31.01
N LYS C 209 -11.47 16.39 31.75
CA LYS C 209 -11.37 16.54 33.21
C LYS C 209 -10.91 15.24 33.89
N GLU C 210 -11.47 14.08 33.46
CA GLU C 210 -11.09 12.79 34.06
C GLU C 210 -9.61 12.49 33.81
N ARG C 211 -9.09 12.89 32.63
CA ARG C 211 -7.69 12.66 32.30
C ARG C 211 -6.75 13.52 33.16
N VAL C 212 -7.13 14.78 33.39
CA VAL C 212 -6.37 15.63 34.31
C VAL C 212 -6.39 15.03 35.72
N SER C 213 -7.57 14.66 36.19
CA SER C 213 -7.70 14.10 37.52
C SER C 213 -6.88 12.82 37.69
N LYS C 214 -6.87 11.95 36.67
CA LYS C 214 -6.11 10.71 36.78
C LYS C 214 -4.62 11.00 36.94
N ALA C 215 -4.10 12.00 36.22
CA ALA C 215 -2.72 12.42 36.38
C ALA C 215 -2.43 12.98 37.79
N LYS C 216 -3.36 13.75 38.33
CA LYS C 216 -3.20 14.27 39.69
C LYS C 216 -3.20 13.15 40.75
N GLN C 217 -4.09 12.17 40.52
CA GLN C 217 -4.15 11.01 41.43
CA GLN C 217 -4.13 10.99 41.43
C GLN C 217 -2.80 10.21 41.57
N ALA C 218 -2.06 10.17 40.44
CA ALA C 218 -0.76 9.50 40.46
C ALA C 218 0.22 10.17 41.44
N GLY C 219 0.10 11.48 41.60
CA GLY C 219 0.81 12.21 42.64
C GLY C 219 2.29 12.46 42.37
N LEU C 220 2.73 12.33 41.11
CA LEU C 220 4.14 12.50 40.75
C LEU C 220 4.44 13.91 40.27
N SER C 221 3.52 14.50 39.51
CA SER C 221 3.79 15.70 38.72
C SER C 221 2.94 16.88 39.21
N LYS C 222 3.50 18.07 39.00
CA LYS C 222 2.74 19.31 39.13
C LYS C 222 2.03 19.55 37.79
N ILE C 223 0.70 19.62 37.86
CA ILE C 223 -0.18 19.69 36.70
C ILE C 223 -0.98 20.99 36.81
N GLU C 224 -0.90 21.85 35.78
CA GLU C 224 -1.65 23.10 35.74
C GLU C 224 -2.33 23.28 34.39
N ILE C 225 -3.57 23.76 34.47
CA ILE C 225 -4.38 24.19 33.31
C ILE C 225 -4.56 25.70 33.49
N THR C 226 -4.21 26.47 32.47
CA THR C 226 -4.24 27.94 32.50
C THR C 226 -4.69 28.46 31.15
N ASN C 227 -5.22 29.69 31.14
CA ASN C 227 -5.62 30.35 29.92
C ASN C 227 -4.65 31.46 29.52
N ASP C 228 -3.48 31.54 30.17
CA ASP C 228 -2.54 32.64 29.97
C ASP C 228 -1.20 32.10 29.47
N PRO C 229 -1.03 31.95 28.15
CA PRO C 229 0.19 31.39 27.60
C PRO C 229 1.44 32.22 27.83
N LYS C 230 1.30 33.55 27.84
CA LYS C 230 2.47 34.40 28.01
C LYS C 230 3.09 34.22 29.40
N GLU C 231 2.29 33.93 30.41
CA GLU C 231 2.84 33.62 31.75
C GLU C 231 3.25 32.14 31.84
N ALA C 232 2.49 31.26 31.17
CA ALA C 232 2.71 29.83 31.32
C ALA C 232 4.11 29.40 30.87
N VAL C 233 4.62 30.00 29.77
CA VAL C 233 5.83 29.51 29.14
C VAL C 233 7.08 29.88 29.93
N ILE C 234 7.00 30.83 30.87
CA ILE C 234 8.21 31.33 31.52
C ILE C 234 8.95 30.19 32.20
N GLY C 235 10.24 30.03 31.87
CA GLY C 235 11.07 29.02 32.51
C GLY C 235 10.93 27.61 31.94
N ALA C 236 10.19 27.47 30.82
CA ALA C 236 10.01 26.17 30.21
C ALA C 236 11.32 25.56 29.71
N ASP C 237 11.42 24.23 29.80
CA ASP C 237 12.39 23.44 29.05
C ASP C 237 11.84 23.11 27.66
N VAL C 238 10.51 22.98 27.55
CA VAL C 238 9.82 22.65 26.31
C VAL C 238 8.58 23.51 26.17
N VAL C 239 8.43 24.16 25.01
CA VAL C 239 7.21 24.75 24.55
C VAL C 239 6.71 23.87 23.41
N TYR C 240 5.49 23.33 23.57
CA TYR C 240 4.94 22.35 22.65
C TYR C 240 3.68 22.90 22.00
N SER C 241 3.52 22.65 20.68
CA SER C 241 2.30 23.04 20.02
C SER C 241 1.84 21.93 19.07
N ASP C 242 0.64 22.17 18.54
CA ASP C 242 -0.09 21.25 17.66
C ASP C 242 -1.15 22.07 16.94
N VAL C 243 -1.78 21.49 15.91
CA VAL C 243 -2.86 22.19 15.21
C VAL C 243 -4.03 22.45 16.16
N TRP C 244 -4.74 23.56 15.91
CA TRP C 244 -5.86 23.95 16.76
C TRP C 244 -7.13 23.17 16.44
N ALA C 245 -7.23 22.70 15.17
CA ALA C 245 -8.29 21.82 14.68
C ALA C 245 -7.64 20.55 14.14
N SER C 246 -7.86 19.44 14.88
CA SER C 246 -7.27 18.11 14.65
C SER C 246 -7.96 17.40 13.48
N MET C 247 -7.33 16.29 13.03
CA MET C 247 -7.95 15.44 11.98
C MET C 247 -9.35 15.03 12.48
N GLY C 248 -10.36 15.13 11.62
CA GLY C 248 -11.74 14.86 12.07
C GLY C 248 -12.48 16.08 12.57
N GLN C 249 -11.82 17.23 12.71
CA GLN C 249 -12.54 18.48 13.11
C GLN C 249 -12.10 19.67 12.24
N LYS C 250 -11.70 19.43 10.99
CA LYS C 250 -11.18 20.51 10.12
C LYS C 250 -12.27 21.49 9.68
N ASP C 251 -13.56 21.16 9.85
CA ASP C 251 -14.60 22.11 9.49
C ASP C 251 -14.76 23.17 10.59
N GLU C 252 -14.03 23.02 11.71
CA GLU C 252 -14.15 23.90 12.86
C GLU C 252 -13.02 24.94 12.88
N ALA C 253 -12.22 24.99 11.81
CA ALA C 253 -10.98 25.77 11.84
C ALA C 253 -11.24 27.27 12.06
N GLU C 254 -12.36 27.81 11.52
CA GLU C 254 -12.57 29.24 11.51
C GLU C 254 -12.95 29.80 12.87
N ALA C 255 -13.90 29.16 13.56
CA ALA C 255 -14.31 29.59 14.89
C ALA C 255 -13.16 29.40 15.87
N ARG C 256 -12.34 28.36 15.65
CA ARG C 256 -11.21 28.13 16.52
C ARG C 256 -10.18 29.25 16.36
N ARG C 257 -9.95 29.73 15.12
CA ARG C 257 -9.03 30.84 14.91
C ARG C 257 -9.37 32.01 15.85
N LYS C 258 -10.67 32.31 16.00
CA LYS C 258 -11.11 33.41 16.84
C LYS C 258 -10.85 33.08 18.32
N ALA C 259 -11.25 31.88 18.75
CA ALA C 259 -11.11 31.49 20.15
C ALA C 259 -9.63 31.42 20.57
N PHE C 260 -8.76 31.09 19.59
CA PHE C 260 -7.35 30.84 19.84
C PHE C 260 -6.48 32.08 19.63
N GLN C 261 -7.05 33.26 19.36
CA GLN C 261 -6.25 34.47 19.31
C GLN C 261 -5.42 34.60 20.58
N GLY C 262 -4.11 34.87 20.42
CA GLY C 262 -3.19 34.99 21.53
C GLY C 262 -2.46 33.69 21.87
N PHE C 263 -2.81 32.58 21.19
CA PHE C 263 -2.21 31.29 21.48
C PHE C 263 -1.19 30.86 20.43
N GLN C 264 -0.95 31.69 19.40
CA GLN C 264 0.11 31.32 18.46
C GLN C 264 1.48 31.34 19.14
N VAL C 265 2.28 30.30 18.89
CA VAL C 265 3.68 30.28 19.29
C VAL C 265 4.51 31.03 18.23
N ASP C 266 4.92 32.23 18.62
CA ASP C 266 5.74 33.07 17.78
C ASP C 266 7.09 33.32 18.47
N GLU C 267 7.94 34.05 17.79
CA GLU C 267 9.31 34.28 18.35
C GLU C 267 9.22 35.05 19.67
N ALA C 268 8.27 35.96 19.75
CA ALA C 268 8.08 36.71 21.00
C ALA C 268 7.73 35.77 22.18
N LEU C 269 6.88 34.77 21.95
CA LEU C 269 6.53 33.83 23.01
C LEU C 269 7.75 33.00 23.43
N MET C 270 8.54 32.54 22.45
CA MET C 270 9.73 31.76 22.76
C MET C 270 10.74 32.62 23.57
N LYS C 271 10.85 33.92 23.25
CA LYS C 271 11.71 34.80 24.03
C LYS C 271 11.22 34.89 25.48
N LEU C 272 9.90 35.00 25.67
CA LEU C 272 9.34 34.98 27.02
C LEU C 272 9.66 33.66 27.75
N ALA C 273 9.64 32.54 27.04
CA ALA C 273 9.90 31.26 27.67
C ALA C 273 11.31 31.19 28.27
N GLY C 274 12.28 31.72 27.52
CA GLY C 274 13.63 31.87 28.01
C GLY C 274 14.63 31.01 27.24
N GLN C 275 15.89 31.13 27.64
CA GLN C 275 16.98 30.65 26.82
C GLN C 275 17.12 29.13 26.84
N LYS C 276 16.56 28.43 27.82
CA LYS C 276 16.69 27.00 27.82
C LYS C 276 15.53 26.27 27.17
N ALA C 277 14.55 27.02 26.64
CA ALA C 277 13.36 26.39 26.06
C ALA C 277 13.63 25.87 24.65
N TYR C 278 13.36 24.57 24.47
CA TYR C 278 13.24 23.98 23.14
C TYR C 278 11.81 24.11 22.65
N PHE C 279 11.66 24.15 21.32
CA PHE C 279 10.35 24.11 20.68
C PHE C 279 10.11 22.72 20.08
N MET C 280 8.94 22.18 20.39
CA MET C 280 8.53 20.87 19.92
C MET C 280 7.11 20.98 19.35
N HIS C 281 6.82 20.13 18.34
CA HIS C 281 5.53 20.12 17.67
C HIS C 281 5.44 18.74 17.03
N CYS C 282 4.31 18.03 17.27
CA CYS C 282 4.17 16.66 16.77
C CYS C 282 4.19 16.57 15.26
N LEU C 283 3.79 17.68 14.61
CA LEU C 283 3.67 17.77 13.15
C LEU C 283 2.45 16.97 12.67
N PRO C 284 1.85 17.29 11.50
CA PRO C 284 2.21 18.42 10.63
C PRO C 284 1.87 19.78 11.29
N ALA C 285 2.66 20.79 10.94
CA ALA C 285 2.48 22.15 11.38
C ALA C 285 1.87 23.02 10.28
N GLU C 286 1.04 23.98 10.71
CA GLU C 286 0.45 24.98 9.84
C GLU C 286 1.02 26.36 10.20
N ARG C 287 2.10 26.70 9.52
CA ARG C 287 2.74 28.00 9.71
C ARG C 287 1.73 29.11 9.46
N GLY C 288 1.77 30.11 10.34
CA GLY C 288 0.82 31.20 10.29
C GLY C 288 -0.45 30.96 11.10
N VAL C 289 -0.63 29.73 11.59
CA VAL C 289 -1.80 29.40 12.40
C VAL C 289 -1.32 29.22 13.84
N GLU C 290 -0.97 28.00 14.28
CA GLU C 290 -0.59 27.78 15.67
C GLU C 290 0.85 28.21 15.95
N VAL C 291 1.68 28.38 14.90
CA VAL C 291 3.11 28.60 15.05
C VAL C 291 3.59 29.40 13.85
N THR C 292 4.67 30.19 14.01
CA THR C 292 5.27 30.93 12.91
C THR C 292 6.40 30.10 12.27
N ASN C 293 6.69 30.43 11.01
CA ASN C 293 7.84 29.87 10.31
C ASN C 293 9.11 30.05 11.12
N GLY C 294 9.29 31.26 11.67
CA GLY C 294 10.54 31.54 12.36
C GLY C 294 10.78 30.62 13.57
N VAL C 295 9.72 30.30 14.29
CA VAL C 295 9.82 29.33 15.38
C VAL C 295 10.16 27.92 14.87
N VAL C 296 9.44 27.43 13.86
CA VAL C 296 9.68 26.07 13.37
C VAL C 296 11.12 25.89 12.93
N GLU C 297 11.70 26.95 12.31
CA GLU C 297 13.01 26.90 11.70
C GLU C 297 14.13 27.39 12.63
N ALA C 298 13.79 27.77 13.87
CA ALA C 298 14.77 28.36 14.78
C ALA C 298 15.77 27.33 15.27
N PRO C 299 16.95 27.76 15.79
CA PRO C 299 17.92 26.81 16.35
C PRO C 299 17.41 26.00 17.54
N TYR C 300 16.45 26.55 18.30
CA TYR C 300 15.88 25.85 19.45
C TYR C 300 14.74 24.89 19.06
N SER C 301 14.36 24.87 17.78
CA SER C 301 13.36 23.90 17.31
C SER C 301 14.01 22.54 17.07
N ILE C 302 13.37 21.50 17.63
CA ILE C 302 13.88 20.14 17.48
C ILE C 302 12.80 19.24 16.86
N VAL C 303 11.93 19.83 16.04
CA VAL C 303 10.83 19.09 15.43
C VAL C 303 11.32 17.94 14.54
N PHE C 304 12.45 18.05 13.85
CA PHE C 304 12.84 16.96 12.95
C PHE C 304 13.50 15.81 13.73
N PRO C 305 14.44 16.04 14.67
CA PRO C 305 14.86 14.97 15.58
C PRO C 305 13.68 14.30 16.29
N GLN C 306 12.72 15.11 16.73
CA GLN C 306 11.50 14.63 17.36
C GLN C 306 10.75 13.62 16.47
N ALA C 307 10.51 13.99 15.21
CA ALA C 307 9.84 13.10 14.27
C ALA C 307 10.62 11.80 14.10
N GLU C 308 11.94 11.88 13.97
CA GLU C 308 12.74 10.68 13.78
C GLU C 308 12.50 9.66 14.90
N ASN C 309 12.42 10.20 16.14
CA ASN C 309 12.33 9.38 17.32
C ASN C 309 11.00 8.62 17.42
N ARG C 310 10.06 8.90 16.51
CA ARG C 310 8.84 8.05 16.49
C ARG C 310 9.29 6.61 16.19
N MET C 311 10.19 6.44 15.22
CA MET C 311 10.63 5.10 14.82
C MET C 311 11.36 4.41 15.99
N HIS C 312 12.28 5.13 16.67
CA HIS C 312 13.09 4.52 17.70
C HIS C 312 12.23 4.16 18.93
N ALA C 313 11.36 5.07 19.38
CA ALA C 313 10.50 4.75 20.52
C ALA C 313 9.56 3.58 20.20
N GLN C 314 8.96 3.61 19.02
CA GLN C 314 7.99 2.57 18.63
C GLN C 314 8.66 1.22 18.50
N ASN C 315 9.90 1.18 18.00
CA ASN C 315 10.64 -0.06 17.89
C ASN C 315 10.79 -0.69 19.27
N ALA C 316 11.14 0.12 20.29
CA ALA C 316 11.25 -0.40 21.63
C ALA C 316 9.90 -0.83 22.22
N ILE C 317 8.83 -0.10 21.95
CA ILE C 317 7.50 -0.51 22.39
C ILE C 317 7.13 -1.87 21.78
N MET C 318 7.32 -2.04 20.47
CA MET C 318 6.97 -3.31 19.83
C MET C 318 7.82 -4.46 20.36
N LEU C 319 9.13 -4.22 20.57
CA LEU C 319 10.00 -5.22 21.18
C LEU C 319 9.42 -5.66 22.53
N HIS C 320 9.04 -4.67 23.36
CA HIS C 320 8.48 -4.97 24.68
C HIS C 320 7.23 -5.84 24.55
N LEU C 321 6.30 -5.42 23.67
CA LEU C 321 5.02 -6.13 23.53
C LEU C 321 5.21 -7.54 23.03
N LEU C 322 6.25 -7.78 22.22
CA LEU C 322 6.46 -9.11 21.64
C LEU C 322 7.41 -9.97 22.47
N GLY C 323 7.76 -9.53 23.68
CA GLY C 323 8.46 -10.37 24.63
C GLY C 323 9.99 -10.24 24.63
N PHE C 324 10.52 -9.21 23.96
CA PHE C 324 11.96 -8.98 23.88
C PHE C 324 12.42 -7.89 24.86
N ORN D . -20.49 -12.67 -2.38
CA ORN D . -19.45 -11.83 -1.71
CB ORN D . -18.21 -12.66 -1.43
CG ORN D . -17.09 -11.83 -0.81
CD ORN D . -16.34 -12.53 0.29
NE ORN D . -15.51 -11.64 1.11
C ORN D . -19.15 -10.61 -2.58
O ORN D . -19.26 -9.51 -2.02
OXT ORN D . -18.82 -10.79 -3.73
C1 PEG E . -20.50 -27.86 18.09
O1 PEG E . -19.12 -27.69 17.96
C2 PEG E . -21.10 -28.32 16.83
O2 PEG E . -20.57 -29.59 16.50
C3 PEG E . -20.90 -29.98 15.17
C4 PEG E . -20.38 -31.37 14.91
O4 PEG E . -20.88 -32.31 15.83
C1 EDO F . -21.30 -0.69 -4.79
O1 EDO F . -22.13 -1.76 -5.12
C2 EDO F . -20.58 -0.94 -3.57
O2 EDO F . -19.98 -2.28 -3.69
S SO4 G . 9.37 -6.96 2.49
O1 SO4 G . 10.45 -6.08 2.81
O2 SO4 G . 8.21 -6.09 2.18
O3 SO4 G . 9.03 -7.74 3.67
O4 SO4 G . 9.59 -7.77 1.33
S SO4 H . -12.48 -10.09 1.88
O1 SO4 H . -13.49 -9.55 0.99
O2 SO4 H . -12.31 -9.15 3.02
O3 SO4 H . -12.95 -11.45 2.44
O4 SO4 H . -11.21 -10.32 1.13
C1 EDO I . 0.96 -25.97 -12.00
O1 EDO I . -0.28 -26.54 -12.40
C2 EDO I . 2.12 -26.86 -12.19
O2 EDO I . 3.35 -26.19 -12.16
C1 EDO J . -5.09 -27.31 12.39
O1 EDO J . -4.08 -26.86 13.32
C2 EDO J . -6.06 -28.34 12.92
O2 EDO J . -5.46 -29.56 13.33
C1 EDO K . 5.19 -9.43 -22.25
O1 EDO K . 5.08 -10.27 -21.10
C2 EDO K . 5.76 -10.04 -23.47
O2 EDO K . 5.14 -9.60 -24.64
C1 EDO L . -10.93 -21.14 -17.40
O1 EDO L . -11.23 -21.06 -16.02
C2 EDO L . -11.90 -21.91 -18.26
O2 EDO L . -12.03 -23.29 -17.84
NA NA M . -32.63 -1.49 -3.25
NA NA N . -12.67 -12.70 0.26
N ORN O . 3.65 12.13 -20.98
CA ORN O . 3.25 11.10 -19.99
CB ORN O . 4.47 10.34 -19.49
CG ORN O . 4.16 9.22 -18.50
CD ORN O . 3.53 8.00 -19.18
NE ORN O . 3.13 6.93 -18.26
C ORN O . 2.50 11.79 -18.84
O ORN O . 2.87 12.91 -18.52
OXT ORN O . 1.57 11.17 -18.36
C1 PEG P . 15.19 -3.25 -37.43
O1 PEG P . 15.93 -3.76 -38.52
C2 PEG P . 14.16 -4.22 -37.02
O2 PEG P . 12.89 -3.59 -36.92
C3 PEG P . 11.84 -4.51 -37.21
C4 PEG P . 11.79 -5.61 -36.18
O4 PEG P . 11.21 -6.79 -36.71
C1 EDO Q . 15.81 16.42 8.85
O1 EDO Q . 16.34 15.59 7.75
C2 EDO Q . 16.68 17.23 9.76
O2 EDO Q . 16.81 18.63 9.59
C1 EDO R . 18.53 20.17 -11.23
O1 EDO R . 18.05 19.16 -12.09
C2 EDO R . 19.28 21.29 -11.88
O2 EDO R . 20.24 20.94 -12.88
S SO4 S . 2.75 4.52 -15.39
O1 SO4 S . 1.87 3.32 -15.26
O2 SO4 S . 1.95 5.72 -15.27
O3 SO4 S . 3.80 4.47 -14.37
O4 SO4 S . 3.37 4.50 -16.71
C1 EDO T . 26.33 9.32 -6.89
O1 EDO T . 26.17 10.43 -7.75
C2 EDO T . 27.00 9.61 -5.60
O2 EDO T . 27.55 8.47 -4.98
NA NA U . 5.70 6.09 -16.18
N ORN V . -3.90 16.54 17.44
CA ORN V . -3.42 15.97 16.16
CB ORN V . -2.29 14.97 16.39
CG ORN V . -1.83 14.28 15.13
CD ORN V . -0.33 14.38 14.89
NE ORN V . 0.08 14.12 13.51
C ORN V . -4.61 15.30 15.43
O ORN V . -4.73 15.61 14.25
OXT ORN V . -5.33 14.55 16.06
C1 PEG W . 19.25 25.67 21.32
O1 PEG W . 19.86 26.91 20.96
C2 PEG W . 18.26 25.87 22.44
O2 PEG W . 18.88 25.68 23.70
C3 PEG W . 17.97 25.18 24.67
C4 PEG W . 18.78 24.59 25.81
O4 PEG W . 19.74 25.50 26.29
C1 EDO X . -9.96 -15.34 16.21
O1 EDO X . -8.70 -14.72 16.64
C2 EDO X . -10.62 -16.57 16.80
O2 EDO X . -11.70 -16.41 17.71
N ORN Y . 26.91 -5.69 13.10
CA ORN Y . 25.76 -5.59 14.05
CB ORN Y . 25.85 -4.47 15.05
CG ORN Y . 26.58 -4.75 16.30
CD ORN Y . 25.81 -5.32 17.42
NE ORN Y . 26.50 -5.21 18.68
C ORN Y . 24.45 -5.46 13.31
O ORN Y . 23.43 -4.85 13.85
OXT ORN Y . 24.45 -6.14 12.30
S SO4 Z . 1.12 11.84 10.81
O1 SO4 Z . -0.28 12.17 10.73
O2 SO4 Z . 1.76 12.18 9.51
O3 SO4 Z . 1.29 10.41 11.19
O4 SO4 Z . 1.81 12.68 11.83
S SO4 AA . 19.49 -14.61 5.46
O1 SO4 AA . 18.96 -15.08 4.21
O2 SO4 AA . 19.76 -13.21 5.37
O3 SO4 AA . 18.54 -14.86 6.51
O4 SO4 AA . 20.71 -15.31 5.75
S SO4 BA . 22.49 15.96 27.57
O1 SO4 BA . 21.18 15.53 27.18
O2 SO4 BA . 22.46 17.36 27.86
O3 SO4 BA . 22.91 15.22 28.73
O4 SO4 BA . 23.40 15.71 26.49
C1 EDO CA . 4.50 -9.20 27.57
O1 EDO CA . 5.39 -10.32 27.42
C2 EDO CA . 5.19 -7.90 27.74
O2 EDO CA . 4.26 -6.80 27.72
C1 EDO DA . 19.98 -5.98 21.63
O1 EDO DA . 19.92 -4.58 21.49
C2 EDO DA . 21.15 -6.60 20.98
O2 EDO DA . 22.39 -6.15 21.49
C1 EDO EA . -6.97 0.77 28.77
O1 EDO EA . -6.08 1.62 28.11
C2 EDO EA . -7.43 1.25 30.11
O2 EDO EA . -6.43 1.25 31.15
NA NA FA . 1.24 11.11 14.11
#